data_7D8E
#
_entry.id   7D8E
#
_cell.length_a   86.181
_cell.length_b   149.303
_cell.length_c   94.539
_cell.angle_alpha   90.000
_cell.angle_beta   97.640
_cell.angle_gamma   90.000
#
_symmetry.space_group_name_H-M   'C 1 2 1'
#
loop_
_entity.id
_entity.type
_entity.pdbx_description
1 polymer 'Glutaminyl-peptide cyclotransferase'
2 non-polymer 'ZINC ION'
3 non-polymer 1,2-ETHANEDIOL
4 non-polymer 'SULFATE ION'
5 non-polymer ~{N}-[(1~{S},2~{S})-2-(2-methoxyphenyl)cyclopropyl]-3~{H}-benzimidazole-5-carboxamide
6 water water
#
_entity_poly.entity_id   1
_entity_poly.type   'polypeptide(L)'
_entity_poly.pdbx_seq_one_letter_code
;ASAWPEEKNYHQPAILNSSALRQIAEGTSISEMWQNDLQPLLIERYPGSPGSYAARQHIMQRIQRLQADWVLEIDTFLSQ
TPEGERSFSNIISTLNPTAKRHLVLACHYDSKYFSHWNNRVFVGATDSAVPCAMMLELARALDKKLLSLKTVSDSKPDLS
LQLIFFDGEEAFLHWSPQDSLYGSRHLAAKMASTPHPPGARGTSQLHGMDLLVLLDLIGAPNPTFPNFFPNSARWFERLQ
AIEHELHELGLLKDHSLEGRYFQNYSYGGVIQDDHIPFLRRGVPVLHLIPSPFPEVWHTMDDNEENLDESTIDNLNKILQ
VFVLEYLHL
;
_entity_poly.pdbx_strand_id   A,B,C
#
# COMPACT_ATOMS: atom_id res chain seq x y z
N ALA A 3 10.60 -29.88 2.72
CA ALA A 3 9.90 -29.04 3.69
C ALA A 3 10.72 -27.83 4.14
N TRP A 4 12.02 -28.03 4.36
CA TRP A 4 12.83 -26.95 4.92
C TRP A 4 12.84 -25.68 4.06
N PRO A 5 12.73 -25.73 2.72
CA PRO A 5 12.71 -24.47 1.95
C PRO A 5 11.53 -23.58 2.29
N GLU A 6 10.54 -24.08 3.01
CA GLU A 6 9.36 -23.27 3.37
C GLU A 6 9.59 -22.56 4.70
N GLU A 7 10.64 -22.93 5.41
CA GLU A 7 10.87 -22.34 6.74
C GLU A 7 10.98 -20.83 6.67
N LYS A 8 11.60 -20.28 5.62
CA LYS A 8 11.71 -18.83 5.45
C LYS A 8 10.35 -18.14 5.51
N ASN A 9 9.28 -18.81 5.09
CA ASN A 9 7.96 -18.19 5.06
C ASN A 9 7.37 -18.00 6.45
N TYR A 10 7.82 -18.76 7.45
CA TYR A 10 7.30 -18.66 8.80
C TYR A 10 8.33 -18.11 9.77
N HIS A 11 9.52 -17.76 9.29
CA HIS A 11 10.59 -17.28 10.16
C HIS A 11 10.21 -15.99 10.85
N GLN A 12 10.43 -15.94 12.19
CA GLN A 12 10.18 -14.77 13.02
C GLN A 12 11.49 -14.12 13.42
N PRO A 13 11.50 -12.79 13.56
CA PRO A 13 12.66 -12.13 14.18
C PRO A 13 12.61 -12.31 15.68
N ALA A 14 13.78 -12.16 16.31
CA ALA A 14 13.87 -12.08 17.76
C ALA A 14 14.11 -10.61 18.10
N ILE A 15 13.09 -9.97 18.68
CA ILE A 15 13.11 -8.53 18.92
C ILE A 15 14.10 -8.21 20.02
N LEU A 16 14.96 -7.21 19.79
CA LEU A 16 15.91 -6.80 20.80
C LEU A 16 15.33 -5.68 21.65
N ASN A 17 15.69 -5.67 22.94
CA ASN A 17 15.15 -4.64 23.82
C ASN A 17 15.96 -3.35 23.69
N SER A 18 15.51 -2.31 24.41
CA SER A 18 16.16 -1.01 24.32
C SER A 18 17.64 -1.07 24.67
N SER A 19 17.99 -1.84 25.70
CA SER A 19 19.39 -1.90 26.12
C SER A 19 20.25 -2.53 25.03
N ALA A 20 19.73 -3.58 24.38
CA ALA A 20 20.47 -4.20 23.28
C ALA A 20 20.63 -3.23 22.11
N LEU A 21 19.58 -2.45 21.81
CA LEU A 21 19.64 -1.52 20.70
C LEU A 21 20.70 -0.45 20.92
N ARG A 22 20.81 0.06 22.15
CA ARG A 22 21.86 1.03 22.46
C ARG A 22 23.24 0.44 22.28
N GLN A 23 23.42 -0.80 22.72
CA GLN A 23 24.68 -1.49 22.55
C GLN A 23 25.04 -1.66 21.07
N ILE A 24 24.04 -1.95 20.23
CA ILE A 24 24.32 -2.07 18.80
C ILE A 24 24.69 -0.71 18.22
N ALA A 25 23.92 0.33 18.54
CA ALA A 25 24.21 1.67 18.03
C ALA A 25 25.59 2.14 18.50
N GLU A 26 25.97 1.78 19.73
CA GLU A 26 27.30 2.08 20.24
C GLU A 26 28.38 1.29 19.51
N GLY A 27 28.07 0.08 19.08
CA GLY A 27 29.10 -0.83 18.60
C GLY A 27 29.53 -0.66 17.16
N THR A 28 28.89 0.24 16.42
CA THR A 28 29.26 0.53 15.05
C THR A 28 29.91 1.90 14.97
N SER A 29 30.94 2.05 14.13
CA SER A 29 31.71 3.29 14.11
C SER A 29 31.79 3.78 12.67
N ILE A 30 31.04 4.85 12.38
CA ILE A 30 31.00 5.36 11.01
C ILE A 30 32.37 5.86 10.58
N SER A 31 33.16 6.40 11.52
CA SER A 31 34.47 6.95 11.17
C SER A 31 35.44 5.85 10.80
N GLU A 32 35.35 4.73 11.54
CA GLU A 32 36.20 3.54 11.28
C GLU A 32 35.84 3.00 9.89
N MET A 33 34.54 2.90 9.59
CA MET A 33 34.10 2.44 8.28
C MET A 33 34.58 3.39 7.18
N TRP A 34 34.39 4.70 7.38
CA TRP A 34 34.87 5.68 6.42
C TRP A 34 36.34 5.46 6.07
N GLN A 35 37.19 5.43 7.09
CA GLN A 35 38.62 5.36 6.82
C GLN A 35 39.05 4.00 6.32
N ASN A 36 38.52 2.92 6.90
CA ASN A 36 39.10 1.60 6.71
C ASN A 36 38.38 0.74 5.69
N ASP A 37 37.09 1.00 5.43
CA ASP A 37 36.32 0.24 4.46
C ASP A 37 35.92 1.04 3.23
N LEU A 38 35.53 2.31 3.42
CA LEU A 38 35.00 3.08 2.31
C LEU A 38 36.10 3.71 1.47
N GLN A 39 37.01 4.44 2.10
CA GLN A 39 37.96 5.22 1.32
C GLN A 39 38.81 4.38 0.37
N PRO A 40 39.32 3.19 0.75
CA PRO A 40 40.08 2.40 -0.24
C PRO A 40 39.26 1.95 -1.43
N LEU A 41 37.94 1.92 -1.32
CA LEU A 41 37.09 1.53 -2.44
C LEU A 41 36.76 2.70 -3.36
N LEU A 42 37.05 3.94 -2.97
CA LEU A 42 36.68 5.09 -3.81
C LEU A 42 37.70 5.26 -4.92
N ILE A 43 37.69 4.28 -5.84
CA ILE A 43 38.62 4.21 -6.95
C ILE A 43 37.87 3.67 -8.17
N GLU A 44 38.41 3.98 -9.34
CA GLU A 44 37.92 3.36 -10.57
C GLU A 44 38.06 1.85 -10.48
N ARG A 45 36.95 1.12 -10.65
CA ARG A 45 37.00 -0.33 -10.43
C ARG A 45 36.06 -1.06 -11.39
N TYR A 46 36.04 -0.64 -12.65
CA TYR A 46 35.24 -1.37 -13.63
C TYR A 46 35.92 -2.70 -13.93
N PRO A 47 35.18 -3.67 -14.49
CA PRO A 47 35.72 -5.04 -14.56
C PRO A 47 37.05 -5.12 -15.28
N GLY A 48 37.98 -5.86 -14.68
CA GLY A 48 39.30 -6.05 -15.25
C GLY A 48 40.26 -4.90 -15.04
N SER A 49 39.80 -3.74 -14.56
CA SER A 49 40.68 -2.62 -14.22
C SER A 49 41.60 -3.01 -13.08
N PRO A 50 42.71 -2.27 -12.88
CA PRO A 50 43.51 -2.51 -11.67
C PRO A 50 42.72 -2.29 -10.40
N GLY A 51 41.79 -1.33 -10.39
CA GLY A 51 40.99 -1.10 -9.21
C GLY A 51 40.01 -2.22 -8.94
N SER A 52 39.59 -2.93 -9.99
CA SER A 52 38.73 -4.09 -9.78
C SER A 52 39.44 -5.15 -8.95
N TYR A 53 40.69 -5.47 -9.31
CA TYR A 53 41.46 -6.42 -8.51
C TYR A 53 41.72 -5.87 -7.11
N ALA A 54 42.00 -4.56 -7.02
CA ALA A 54 42.34 -3.98 -5.72
C ALA A 54 41.11 -3.88 -4.82
N ALA A 55 39.95 -3.56 -5.39
CA ALA A 55 38.73 -3.56 -4.60
C ALA A 55 38.43 -4.95 -4.10
N ARG A 56 38.54 -5.94 -4.98
CA ARG A 56 38.33 -7.34 -4.60
C ARG A 56 39.27 -7.75 -3.49
N GLN A 57 40.55 -7.41 -3.61
CA GLN A 57 41.50 -7.82 -2.59
C GLN A 57 41.21 -7.11 -1.27
N HIS A 58 40.78 -5.85 -1.32
CA HIS A 58 40.46 -5.11 -0.10
C HIS A 58 39.26 -5.72 0.61
N ILE A 59 38.24 -6.12 -0.14
CA ILE A 59 37.04 -6.69 0.47
C ILE A 59 37.38 -8.02 1.15
N MET A 60 38.16 -8.85 0.46
CA MET A 60 38.56 -10.14 1.03
C MET A 60 39.45 -9.97 2.25
N GLN A 61 40.36 -8.99 2.24
CA GLN A 61 41.23 -8.84 3.41
C GLN A 61 40.45 -8.33 4.60
N ARG A 62 39.48 -7.44 4.39
CA ARG A 62 38.71 -6.92 5.53
C ARG A 62 37.88 -8.01 6.16
N ILE A 63 37.36 -8.95 5.35
CA ILE A 63 36.60 -10.05 5.89
C ILE A 63 37.52 -11.08 6.56
N GLN A 64 38.67 -11.36 5.96
CA GLN A 64 39.55 -12.40 6.49
C GLN A 64 40.14 -12.02 7.85
N ARG A 65 40.27 -10.74 8.15
CA ARG A 65 40.80 -10.36 9.46
C ARG A 65 39.80 -10.52 10.60
N LEU A 66 38.54 -10.85 10.31
CA LEU A 66 37.55 -10.96 11.38
C LEU A 66 37.61 -12.33 12.05
N GLN A 67 37.12 -12.39 13.29
CA GLN A 67 37.19 -13.64 14.04
C GLN A 67 36.15 -14.64 13.57
N ALA A 68 34.98 -14.18 13.14
CA ALA A 68 33.99 -15.09 12.58
C ALA A 68 34.58 -15.88 11.43
N ASP A 69 34.11 -17.10 11.28
CA ASP A 69 34.68 -18.07 10.37
C ASP A 69 34.09 -17.91 8.97
N TRP A 70 34.36 -16.75 8.37
CA TRP A 70 33.83 -16.51 7.03
C TRP A 70 34.56 -17.39 6.03
N VAL A 71 33.82 -17.96 5.07
CA VAL A 71 34.39 -18.76 4.00
C VAL A 71 34.25 -17.98 2.71
N LEU A 72 35.38 -17.61 2.10
CA LEU A 72 35.35 -16.77 0.91
C LEU A 72 35.40 -17.63 -0.35
N GLU A 73 34.55 -17.31 -1.31
CA GLU A 73 34.57 -17.95 -2.62
C GLU A 73 34.56 -16.86 -3.69
N ILE A 74 35.35 -17.06 -4.73
CA ILE A 74 35.36 -16.17 -5.88
C ILE A 74 34.74 -16.92 -7.04
N ASP A 75 33.66 -16.36 -7.57
CA ASP A 75 32.96 -16.91 -8.73
C ASP A 75 33.42 -16.10 -9.93
N THR A 76 34.43 -16.61 -10.64
CA THR A 76 35.05 -15.92 -11.76
C THR A 76 34.62 -16.57 -13.07
N PHE A 77 34.32 -15.75 -14.07
CA PHE A 77 33.84 -16.26 -15.34
C PHE A 77 34.13 -15.23 -16.41
N LEU A 78 34.11 -15.67 -17.67
CA LEU A 78 34.22 -14.79 -18.82
C LEU A 78 32.86 -14.61 -19.48
N SER A 79 32.64 -13.43 -20.05
CA SER A 79 31.48 -13.23 -20.92
C SER A 79 31.78 -12.16 -21.94
N GLN A 80 31.17 -12.30 -23.12
CA GLN A 80 31.20 -11.25 -24.12
C GLN A 80 30.55 -10.01 -23.53
N THR A 81 31.03 -8.84 -23.97
CA THR A 81 30.48 -7.52 -23.62
C THR A 81 30.55 -6.62 -24.84
N PRO A 82 29.94 -5.43 -24.81
CA PRO A 82 30.17 -4.49 -25.92
C PRO A 82 31.64 -4.18 -26.17
N GLU A 83 32.50 -4.32 -25.17
CA GLU A 83 33.91 -3.98 -25.28
C GLU A 83 34.78 -5.18 -25.63
N GLY A 84 34.17 -6.32 -25.91
CA GLY A 84 34.92 -7.55 -26.05
C GLY A 84 34.84 -8.39 -24.79
N GLU A 85 35.48 -9.55 -24.86
CA GLU A 85 35.36 -10.50 -23.76
C GLU A 85 36.01 -9.93 -22.51
N ARG A 86 35.35 -10.13 -21.38
CA ARG A 86 35.83 -9.62 -20.11
C ARG A 86 35.75 -10.71 -19.05
N SER A 87 36.61 -10.60 -18.05
CA SER A 87 36.55 -11.45 -16.87
C SER A 87 35.82 -10.73 -15.74
N PHE A 88 34.96 -11.47 -15.04
CA PHE A 88 34.20 -10.97 -13.90
C PHE A 88 34.42 -11.88 -12.72
N SER A 89 34.37 -11.34 -11.49
CA SER A 89 34.55 -12.15 -10.30
C SER A 89 33.58 -11.70 -9.21
N ASN A 90 32.54 -12.49 -8.96
CA ASN A 90 31.71 -12.24 -7.79
C ASN A 90 32.45 -12.68 -6.54
N ILE A 91 32.25 -11.95 -5.44
CA ILE A 91 32.82 -12.32 -4.15
C ILE A 91 31.69 -12.84 -3.28
N ILE A 92 31.83 -14.06 -2.78
CA ILE A 92 30.85 -14.65 -1.88
C ILE A 92 31.55 -14.90 -0.55
N SER A 93 30.97 -14.38 0.53
CA SER A 93 31.50 -14.58 1.88
C SER A 93 30.39 -15.20 2.73
N THR A 94 30.59 -16.44 3.17
CA THR A 94 29.55 -17.24 3.81
C THR A 94 29.97 -17.69 5.22
N LEU A 95 29.09 -17.51 6.20
CA LEU A 95 29.20 -18.22 7.46
C LEU A 95 28.40 -19.52 7.37
N ASN A 96 28.97 -20.59 7.91
CA ASN A 96 28.30 -21.88 7.98
C ASN A 96 27.86 -22.32 6.58
N PRO A 97 28.81 -22.58 5.68
CA PRO A 97 28.45 -22.92 4.28
C PRO A 97 27.43 -24.04 4.15
N THR A 98 27.48 -25.05 5.02
CA THR A 98 26.59 -26.20 4.85
C THR A 98 25.22 -26.01 5.50
N ALA A 99 25.03 -24.97 6.31
CA ALA A 99 23.69 -24.64 6.78
C ALA A 99 22.72 -24.55 5.60
N LYS A 100 21.53 -25.08 5.81
CA LYS A 100 20.54 -25.12 4.75
C LYS A 100 20.13 -23.72 4.32
N ARG A 101 20.02 -22.79 5.26
CA ARG A 101 19.48 -21.46 4.98
C ARG A 101 20.49 -20.34 5.27
N HIS A 102 20.43 -19.28 4.47
CA HIS A 102 21.21 -18.08 4.70
C HIS A 102 20.38 -16.85 4.39
N LEU A 103 20.40 -15.91 5.33
CA LEU A 103 20.11 -14.52 5.04
C LEU A 103 21.26 -13.97 4.21
N VAL A 104 20.95 -13.31 3.10
CA VAL A 104 21.99 -12.85 2.17
C VAL A 104 21.94 -11.33 2.10
N LEU A 105 23.06 -10.66 2.37
CA LEU A 105 23.22 -9.24 2.09
C LEU A 105 24.09 -9.09 0.85
N ALA A 106 23.79 -8.10 0.02
CA ALA A 106 24.49 -8.02 -1.26
C ALA A 106 24.53 -6.58 -1.78
N CYS A 107 25.60 -6.28 -2.52
CA CYS A 107 25.71 -5.07 -3.33
C CYS A 107 26.60 -5.41 -4.53
N HIS A 108 26.83 -4.41 -5.40
CA HIS A 108 27.79 -4.54 -6.48
C HIS A 108 29.04 -3.73 -6.14
N TYR A 109 30.21 -4.29 -6.42
CA TYR A 109 31.44 -3.60 -6.09
C TYR A 109 32.16 -3.03 -7.30
N ASP A 110 31.71 -3.34 -8.52
CA ASP A 110 32.23 -2.67 -9.69
C ASP A 110 31.75 -1.22 -9.75
N SER A 111 32.48 -0.38 -10.48
CA SER A 111 32.03 0.97 -10.76
C SER A 111 31.80 1.10 -12.25
N LYS A 112 30.91 2.02 -12.61
CA LYS A 112 30.60 2.24 -14.01
C LYS A 112 31.79 2.88 -14.72
N TYR A 113 32.04 2.39 -15.93
CA TYR A 113 33.12 2.90 -16.75
C TYR A 113 32.68 4.19 -17.43
N PHE A 114 33.47 5.26 -17.25
CA PHE A 114 33.21 6.53 -17.92
C PHE A 114 34.48 7.02 -18.61
N SER A 115 34.28 7.84 -19.63
CA SER A 115 35.36 8.27 -20.52
C SER A 115 36.45 8.99 -19.75
N HIS A 116 37.69 8.83 -20.20
CA HIS A 116 38.84 9.53 -19.59
C HIS A 116 39.14 10.80 -20.42
N ASN A 119 39.40 15.53 -16.27
CA ASN A 119 40.24 15.27 -15.10
C ASN A 119 39.59 14.33 -14.09
N ARG A 120 38.26 14.24 -14.09
CA ARG A 120 37.52 13.52 -13.05
C ARG A 120 37.30 12.07 -13.44
N VAL A 121 37.39 11.19 -12.45
CA VAL A 121 37.12 9.77 -12.63
C VAL A 121 35.88 9.41 -11.81
N PHE A 122 35.05 8.53 -12.36
CA PHE A 122 33.86 8.08 -11.65
C PHE A 122 34.24 7.01 -10.62
N VAL A 123 33.98 7.27 -9.33
CA VAL A 123 34.22 6.29 -8.29
C VAL A 123 32.95 5.75 -7.67
N GLY A 124 31.76 6.13 -8.17
CA GLY A 124 30.52 5.57 -7.66
C GLY A 124 30.44 5.52 -6.13
N ALA A 125 30.45 6.69 -5.50
CA ALA A 125 30.43 6.73 -4.04
C ALA A 125 29.18 6.04 -3.51
N THR A 126 28.00 6.43 -4.01
CA THR A 126 26.79 5.74 -3.57
C THR A 126 26.59 4.43 -4.30
N ASP A 127 27.33 4.21 -5.40
CA ASP A 127 26.96 3.29 -6.47
C ASP A 127 28.20 2.45 -6.84
N SER A 128 28.58 1.50 -5.98
CA SER A 128 27.95 1.26 -4.69
C SER A 128 29.05 1.07 -3.65
N ALA A 129 30.02 2.00 -3.62
CA ALA A 129 31.11 1.90 -2.64
C ALA A 129 30.57 1.93 -1.22
N VAL A 130 29.58 2.76 -0.95
CA VAL A 130 29.04 2.87 0.40
C VAL A 130 28.34 1.57 0.78
N PRO A 131 27.46 1.00 -0.05
CA PRO A 131 26.92 -0.33 0.28
C PRO A 131 27.98 -1.38 0.59
N CYS A 132 29.08 -1.40 -0.18
CA CYS A 132 30.18 -2.32 0.13
C CYS A 132 30.73 -2.06 1.52
N ALA A 133 30.94 -0.79 1.85
CA ALA A 133 31.50 -0.43 3.15
C ALA A 133 30.51 -0.76 4.27
N MET A 134 29.22 -0.56 4.03
CA MET A 134 28.22 -0.90 5.05
C MET A 134 28.24 -2.39 5.37
N MET A 135 28.43 -3.24 4.34
CA MET A 135 28.46 -4.67 4.59
C MET A 135 29.71 -5.07 5.38
N LEU A 136 30.86 -4.48 5.03
CA LEU A 136 32.08 -4.78 5.78
C LEU A 136 31.97 -4.27 7.21
N GLU A 137 31.39 -3.08 7.40
CA GLU A 137 31.24 -2.55 8.76
C GLU A 137 30.25 -3.38 9.57
N LEU A 138 29.22 -3.92 8.92
CA LEU A 138 28.32 -4.82 9.62
C LEU A 138 29.06 -6.08 10.06
N ALA A 139 29.84 -6.65 9.15
CA ALA A 139 30.63 -7.83 9.50
C ALA A 139 31.54 -7.54 10.69
N ARG A 140 32.17 -6.36 10.70
CA ARG A 140 33.07 -6.02 11.80
C ARG A 140 32.30 -5.76 13.08
N ALA A 141 31.27 -4.92 13.02
CA ALA A 141 30.53 -4.53 14.22
C ALA A 141 29.87 -5.72 14.91
N LEU A 142 29.41 -6.72 14.14
CA LEU A 142 28.72 -7.88 14.69
C LEU A 142 29.62 -9.11 14.81
N ASP A 143 30.93 -8.95 14.64
CA ASP A 143 31.85 -10.08 14.59
C ASP A 143 31.72 -11.00 15.81
N LYS A 144 31.68 -10.42 17.01
CA LYS A 144 31.63 -11.28 18.19
C LYS A 144 30.32 -12.06 18.24
N LYS A 145 29.22 -11.40 17.88
CA LYS A 145 27.91 -12.07 17.86
C LYS A 145 27.91 -13.15 16.77
N LEU A 146 28.39 -12.79 15.60
CA LEU A 146 28.43 -13.76 14.51
C LEU A 146 29.35 -14.92 14.84
N LEU A 147 30.45 -14.64 15.56
CA LEU A 147 31.34 -15.69 16.03
C LEU A 147 30.57 -16.79 16.74
N SER A 148 29.44 -16.46 17.38
CA SER A 148 28.67 -17.48 18.08
C SER A 148 27.86 -18.37 17.15
N LEU A 149 27.94 -18.21 15.83
CA LEU A 149 27.31 -19.17 14.92
C LEU A 149 28.20 -20.33 14.54
N LYS A 150 29.49 -20.26 14.92
CA LYS A 150 30.43 -21.38 14.65
C LYS A 150 29.93 -22.61 15.42
N ASP A 158 18.27 -23.74 10.85
CA ASP A 158 19.44 -23.94 10.00
C ASP A 158 19.60 -22.76 9.06
N LEU A 159 20.15 -21.75 9.75
CA LEU A 159 20.22 -20.34 9.28
C LEU A 159 21.47 -19.59 9.73
N SER A 160 22.16 -19.08 8.74
CA SER A 160 23.36 -18.26 8.98
C SER A 160 23.32 -17.07 8.02
N LEU A 161 24.48 -16.48 7.80
CA LEU A 161 24.59 -15.21 7.05
C LEU A 161 25.59 -15.36 5.92
N GLN A 162 25.28 -14.71 4.82
CA GLN A 162 26.12 -14.71 3.64
C GLN A 162 26.17 -13.30 3.07
N LEU A 163 27.34 -12.90 2.59
CA LEU A 163 27.48 -11.62 1.90
C LEU A 163 27.82 -11.89 0.45
N ILE A 164 27.25 -11.12 -0.46
CA ILE A 164 27.60 -11.26 -1.88
C ILE A 164 27.95 -9.89 -2.43
N PHE A 165 29.13 -9.78 -3.02
CA PHE A 165 29.59 -8.56 -3.70
C PHE A 165 29.62 -8.86 -5.20
N PHE A 166 28.62 -8.40 -5.91
CA PHE A 166 28.51 -8.68 -7.34
C PHE A 166 29.51 -7.86 -8.13
N ASP A 167 30.12 -8.50 -9.13
CA ASP A 167 30.88 -7.81 -10.16
C ASP A 167 29.97 -7.54 -11.36
N GLY A 168 30.36 -6.56 -12.19
CA GLY A 168 29.70 -6.36 -13.48
C GLY A 168 28.23 -5.98 -13.43
N GLU A 169 27.77 -5.34 -12.34
CA GLU A 169 26.39 -4.85 -12.34
C GLU A 169 26.15 -3.83 -13.45
N GLU A 170 27.10 -2.93 -13.67
CA GLU A 170 26.85 -1.79 -14.54
C GLU A 170 26.99 -2.18 -16.01
N ALA A 171 26.21 -1.52 -16.85
CA ALA A 171 26.34 -1.65 -18.28
C ALA A 171 27.68 -1.07 -18.74
N PHE A 172 28.24 -1.65 -19.80
CA PHE A 172 29.45 -1.07 -20.37
C PHE A 172 29.10 0.07 -21.30
N LEU A 173 27.98 -0.05 -22.01
CA LEU A 173 27.66 0.83 -23.11
C LEU A 173 26.24 1.36 -22.98
N HIS A 174 25.26 0.47 -23.02
CA HIS A 174 23.85 0.86 -22.99
C HIS A 174 23.11 -0.14 -22.12
N TRP A 175 22.48 0.35 -21.05
CA TRP A 175 21.72 -0.53 -20.17
C TRP A 175 20.73 -1.33 -20.96
N SER A 176 20.89 -2.66 -20.92
CA SER A 176 20.11 -3.60 -21.69
C SER A 176 20.17 -4.94 -20.98
N PRO A 177 19.20 -5.83 -21.22
CA PRO A 177 19.29 -7.16 -20.62
C PRO A 177 20.62 -7.85 -20.88
N GLN A 178 21.24 -7.62 -22.04
CA GLN A 178 22.47 -8.33 -22.37
C GLN A 178 23.72 -7.54 -21.96
N ASP A 179 23.60 -6.24 -21.75
CA ASP A 179 24.70 -5.41 -21.29
C ASP A 179 24.41 -4.85 -19.89
N SER A 180 24.27 -5.73 -18.89
CA SER A 180 24.00 -5.36 -17.50
C SER A 180 23.99 -6.63 -16.66
N LEU A 181 24.18 -6.46 -15.34
CA LEU A 181 24.02 -7.54 -14.35
C LEU A 181 24.82 -8.81 -14.69
N TYR A 182 26.02 -8.61 -15.22
CA TYR A 182 26.83 -9.75 -15.62
C TYR A 182 27.04 -10.71 -14.47
N GLY A 183 27.47 -10.20 -13.31
CA GLY A 183 27.79 -11.07 -12.20
C GLY A 183 26.56 -11.71 -11.58
N SER A 184 25.53 -10.91 -11.33
CA SER A 184 24.34 -11.46 -10.68
C SER A 184 23.63 -12.46 -11.58
N ARG A 185 23.60 -12.21 -12.89
CA ARG A 185 22.95 -13.17 -13.78
C ARG A 185 23.73 -14.47 -13.80
N HIS A 186 25.06 -14.39 -13.75
CA HIS A 186 25.86 -15.61 -13.73
C HIS A 186 25.68 -16.38 -12.42
N LEU A 187 25.70 -15.67 -11.30
CA LEU A 187 25.72 -16.34 -10.00
C LEU A 187 24.37 -16.98 -9.71
N ALA A 188 23.28 -16.29 -10.06
CA ALA A 188 21.96 -16.88 -9.88
C ALA A 188 21.79 -18.14 -10.70
N ALA A 189 22.23 -18.13 -11.96
CA ALA A 189 22.20 -19.35 -12.76
C ALA A 189 23.03 -20.45 -12.11
N LYS A 190 24.23 -20.11 -11.64
CA LYS A 190 25.07 -21.11 -10.99
C LYS A 190 24.40 -21.68 -9.75
N MET A 191 23.88 -20.80 -8.89
CA MET A 191 23.26 -21.27 -7.65
C MET A 191 22.01 -22.09 -7.92
N ALA A 192 21.24 -21.72 -8.96
CA ALA A 192 20.03 -22.44 -9.30
C ALA A 192 20.34 -23.87 -9.74
N SER A 193 21.53 -24.08 -10.29
CA SER A 193 21.91 -25.39 -10.79
C SER A 193 22.65 -26.23 -9.77
N THR A 194 22.93 -25.68 -8.58
CA THR A 194 23.82 -26.36 -7.63
C THR A 194 23.01 -26.97 -6.50
N PRO A 195 23.09 -28.28 -6.26
CA PRO A 195 22.36 -28.88 -5.13
C PRO A 195 22.71 -28.19 -3.81
N HIS A 196 21.70 -28.05 -2.96
CA HIS A 196 21.97 -27.57 -1.62
C HIS A 196 20.88 -28.16 -0.75
N PRO A 197 21.22 -28.83 0.37
CA PRO A 197 22.59 -29.19 0.77
C PRO A 197 23.20 -30.16 -0.25
N PRO A 198 24.52 -30.32 -0.24
CA PRO A 198 25.15 -31.30 -1.14
C PRO A 198 24.46 -32.65 -1.02
N GLY A 199 24.24 -33.30 -2.15
CA GLY A 199 23.57 -34.58 -2.18
C GLY A 199 22.06 -34.53 -2.16
N ALA A 200 21.46 -33.35 -1.98
CA ALA A 200 20.01 -33.28 -1.92
C ALA A 200 19.40 -33.53 -3.28
N ARG A 201 18.13 -33.91 -3.27
CA ARG A 201 17.33 -33.96 -4.49
C ARG A 201 16.45 -32.71 -4.54
N GLY A 202 16.29 -32.16 -5.73
CA GLY A 202 15.40 -31.01 -5.90
C GLY A 202 15.89 -29.64 -5.51
N THR A 203 16.40 -29.51 -4.27
CA THR A 203 16.67 -28.18 -3.71
C THR A 203 18.01 -27.62 -4.18
N SER A 204 18.03 -26.32 -4.46
CA SER A 204 19.19 -25.58 -4.96
C SER A 204 19.76 -24.68 -3.88
N GLN A 205 20.91 -24.09 -4.17
CA GLN A 205 21.39 -23.02 -3.29
C GLN A 205 20.42 -21.84 -3.26
N LEU A 206 19.59 -21.67 -4.30
CA LEU A 206 18.59 -20.60 -4.25
C LEU A 206 17.49 -20.92 -3.25
N HIS A 207 17.12 -22.20 -3.09
CA HIS A 207 16.17 -22.53 -2.02
C HIS A 207 16.75 -22.15 -0.66
N GLY A 208 18.07 -22.18 -0.53
CA GLY A 208 18.71 -21.82 0.72
C GLY A 208 18.67 -20.34 1.05
N MET A 209 18.41 -19.48 0.06
CA MET A 209 18.37 -18.04 0.29
C MET A 209 17.05 -17.67 0.97
N ASP A 210 17.11 -17.40 2.27
CA ASP A 210 15.92 -16.98 3.02
C ASP A 210 15.37 -15.68 2.47
N LEU A 211 16.26 -14.73 2.22
CA LEU A 211 15.89 -13.38 1.85
C LEU A 211 17.14 -12.73 1.29
N LEU A 212 17.03 -12.08 0.14
CA LEU A 212 18.12 -11.33 -0.46
C LEU A 212 17.91 -9.86 -0.17
N VAL A 213 18.77 -9.28 0.67
CA VAL A 213 18.72 -7.85 0.98
C VAL A 213 19.79 -7.16 0.13
N LEU A 214 19.34 -6.48 -0.92
CA LEU A 214 20.23 -5.86 -1.88
C LEU A 214 20.34 -4.36 -1.59
N LEU A 215 21.56 -3.92 -1.25
CA LEU A 215 21.86 -2.52 -0.95
C LEU A 215 22.41 -1.87 -2.20
N ASP A 216 21.90 -0.69 -2.54
CA ASP A 216 22.32 -0.06 -3.78
C ASP A 216 21.99 1.43 -3.72
N LEU A 217 22.93 2.26 -4.17
CA LEU A 217 22.73 3.73 -4.27
C LEU A 217 22.41 4.35 -2.92
N ILE A 218 23.18 3.97 -1.90
CA ILE A 218 23.00 4.45 -0.54
C ILE A 218 24.14 5.42 -0.23
N GLY A 219 23.80 6.52 0.42
CA GLY A 219 24.81 7.48 0.81
C GLY A 219 24.39 8.92 0.62
N ALA A 220 23.35 9.16 -0.18
CA ALA A 220 22.86 10.50 -0.38
C ALA A 220 21.98 10.94 0.80
N PRO A 221 21.83 12.25 1.01
CA PRO A 221 20.94 12.71 2.07
C PRO A 221 19.49 12.45 1.72
N ASN A 222 18.65 12.34 2.75
CA ASN A 222 17.21 12.16 2.62
C ASN A 222 16.79 11.07 1.63
N PRO A 223 17.31 9.85 1.75
CA PRO A 223 16.83 8.76 0.89
C PRO A 223 15.41 8.35 1.26
N THR A 224 14.66 7.91 0.26
CA THR A 224 13.33 7.33 0.47
C THR A 224 13.36 5.94 -0.15
N PHE A 225 13.24 4.90 0.69
CA PHE A 225 13.15 3.53 0.21
C PHE A 225 11.69 3.12 0.22
N PRO A 226 11.10 2.80 -0.93
CA PRO A 226 9.73 2.28 -0.96
C PRO A 226 9.70 0.78 -0.72
N ASN A 227 8.50 0.30 -0.42
CA ASN A 227 8.23 -1.12 -0.18
C ASN A 227 7.95 -1.80 -1.51
N PHE A 228 8.97 -2.45 -2.08
CA PHE A 228 8.84 -2.93 -3.45
C PHE A 228 7.98 -4.19 -3.57
N PHE A 229 8.11 -5.14 -2.64
CA PHE A 229 7.61 -6.50 -2.88
C PHE A 229 6.71 -6.97 -1.74
N PRO A 230 5.49 -7.43 -2.04
CA PRO A 230 4.63 -7.96 -0.98
C PRO A 230 5.23 -9.12 -0.20
N ASN A 231 5.98 -10.02 -0.86
CA ASN A 231 6.52 -11.17 -0.14
C ASN A 231 7.78 -10.83 0.66
N SER A 232 8.19 -9.56 0.73
CA SER A 232 9.15 -9.15 1.76
C SER A 232 8.60 -7.97 2.54
N ALA A 233 7.34 -7.61 2.29
CA ALA A 233 6.78 -6.44 2.94
C ALA A 233 6.84 -6.56 4.46
N ARG A 234 6.71 -7.76 5.01
CA ARG A 234 6.76 -7.83 6.47
C ARG A 234 8.17 -7.58 6.99
N TRP A 235 9.19 -7.87 6.18
CA TRP A 235 10.55 -7.53 6.56
C TRP A 235 10.83 -6.04 6.36
N PHE A 236 10.25 -5.46 5.31
CA PHE A 236 10.30 -4.00 5.17
C PHE A 236 9.68 -3.31 6.37
N GLU A 237 8.56 -3.83 6.88
CA GLU A 237 7.96 -3.22 8.06
C GLU A 237 8.85 -3.34 9.29
N ARG A 238 9.65 -4.41 9.40
CA ARG A 238 10.62 -4.47 10.49
C ARG A 238 11.65 -3.34 10.37
N LEU A 239 12.13 -3.09 9.15
CA LEU A 239 13.04 -1.96 8.95
C LEU A 239 12.38 -0.65 9.37
N GLN A 240 11.09 -0.47 9.01
CA GLN A 240 10.37 0.71 9.47
C GLN A 240 10.36 0.80 10.98
N ALA A 241 10.05 -0.33 11.63
CA ALA A 241 9.88 -0.31 13.08
C ALA A 241 11.21 -0.12 13.78
N ILE A 242 12.29 -0.71 13.23
CA ILE A 242 13.62 -0.48 13.79
C ILE A 242 14.00 0.99 13.67
N GLU A 243 13.78 1.58 12.50
CA GLU A 243 14.03 3.01 12.35
C GLU A 243 13.24 3.83 13.37
N HIS A 244 11.96 3.49 13.56
CA HIS A 244 11.15 4.26 14.51
C HIS A 244 11.70 4.15 15.92
N GLU A 245 12.07 2.94 16.34
CA GLU A 245 12.51 2.71 17.71
C GLU A 245 13.87 3.34 17.98
N LEU A 246 14.82 3.21 17.04
CA LEU A 246 16.12 3.86 17.21
C LEU A 246 15.98 5.36 17.29
N HIS A 247 15.10 5.94 16.46
CA HIS A 247 14.83 7.37 16.57
C HIS A 247 14.29 7.71 17.96
N GLU A 248 13.25 6.98 18.39
CA GLU A 248 12.63 7.24 19.69
C GLU A 248 13.65 7.16 20.81
N LEU A 249 14.61 6.25 20.70
CA LEU A 249 15.64 6.08 21.72
C LEU A 249 16.78 7.09 21.59
N GLY A 250 16.70 8.02 20.64
CA GLY A 250 17.75 9.00 20.47
C GLY A 250 19.05 8.45 19.93
N LEU A 251 19.01 7.36 19.18
CA LEU A 251 20.23 6.71 18.72
C LEU A 251 20.54 7.00 17.25
N LEU A 252 19.75 7.83 16.59
CA LEU A 252 20.01 8.26 15.22
C LEU A 252 20.45 9.72 15.22
N LYS A 253 21.23 10.09 14.22
CA LYS A 253 21.76 11.45 14.10
C LYS A 253 21.04 12.18 12.97
N ASP A 254 20.64 13.42 13.22
CA ASP A 254 20.07 14.31 12.19
C ASP A 254 18.96 13.60 11.44
N HIS A 255 17.98 13.10 12.19
CA HIS A 255 16.95 12.22 11.67
C HIS A 255 15.60 12.68 12.18
N SER A 256 14.62 12.75 11.29
CA SER A 256 13.27 13.17 11.63
C SER A 256 12.28 12.07 11.28
N LEU A 257 11.24 11.95 12.11
CA LEU A 257 10.15 11.04 11.79
C LEU A 257 9.38 11.51 10.56
N GLU A 258 9.38 12.81 10.30
CA GLU A 258 8.75 13.30 9.10
C GLU A 258 9.61 13.12 7.85
N GLY A 259 10.87 12.71 8.02
CA GLY A 259 11.75 12.39 6.92
C GLY A 259 12.25 10.95 6.99
N ARG A 260 11.33 10.01 7.23
CA ARG A 260 11.68 8.60 7.38
C ARG A 260 12.39 8.07 6.14
N TYR A 261 13.36 7.18 6.36
CA TYR A 261 13.98 6.52 5.22
C TYR A 261 13.04 5.49 4.60
N PHE A 262 12.38 4.69 5.43
CA PHE A 262 11.54 3.59 4.98
C PHE A 262 10.08 4.02 5.06
N GLN A 263 9.47 4.28 3.91
CA GLN A 263 8.06 4.63 3.86
C GLN A 263 7.28 3.44 3.33
N ASN A 264 6.06 3.26 3.82
CA ASN A 264 5.25 2.14 3.31
C ASN A 264 4.29 2.67 2.25
N TYR A 265 4.82 2.77 1.04
CA TYR A 265 4.07 2.72 -0.20
C TYR A 265 5.01 2.07 -1.18
N SER A 266 4.51 1.69 -2.34
CA SER A 266 5.36 1.04 -3.31
C SER A 266 5.64 1.95 -4.49
N TYR A 267 6.32 1.38 -5.47
CA TYR A 267 6.85 2.03 -6.66
C TYR A 267 6.07 1.66 -7.91
N GLY A 268 5.47 0.46 -7.93
CA GLY A 268 4.64 0.02 -9.04
C GLY A 268 5.36 -0.30 -10.32
N GLY A 269 6.57 0.24 -10.51
CA GLY A 269 7.38 -0.06 -11.66
C GLY A 269 8.36 -1.18 -11.39
N VAL A 270 9.36 -1.28 -12.27
CA VAL A 270 10.37 -2.33 -12.17
C VAL A 270 11.74 -1.68 -12.19
N ILE A 271 12.46 -1.78 -11.07
CA ILE A 271 13.81 -1.22 -10.97
C ILE A 271 14.82 -2.35 -11.17
N GLN A 272 15.30 -2.46 -12.40
CA GLN A 272 16.28 -3.48 -12.75
C GLN A 272 17.53 -3.30 -11.92
N ASP A 273 18.03 -4.41 -11.38
CA ASP A 273 19.16 -4.40 -10.45
C ASP A 273 19.60 -5.85 -10.26
N ASP A 274 20.68 -6.04 -9.49
CA ASP A 274 21.26 -7.36 -9.31
C ASP A 274 20.27 -8.37 -8.76
N HIS A 275 19.16 -7.92 -8.18
CA HIS A 275 18.22 -8.87 -7.60
C HIS A 275 17.36 -9.57 -8.64
N ILE A 276 17.23 -8.98 -9.84
CA ILE A 276 16.33 -9.54 -10.85
C ILE A 276 16.58 -11.01 -11.13
N PRO A 277 17.83 -11.48 -11.33
CA PRO A 277 18.03 -12.91 -11.61
C PRO A 277 17.61 -13.82 -10.48
N PHE A 278 17.63 -13.32 -9.25
CA PHE A 278 17.19 -14.08 -8.09
C PHE A 278 15.67 -13.99 -7.92
N LEU A 279 15.12 -12.77 -8.05
CA LEU A 279 13.68 -12.56 -7.95
C LEU A 279 12.91 -13.41 -8.96
N ARG A 280 13.37 -13.43 -10.21
CA ARG A 280 12.61 -14.16 -11.22
C ARG A 280 12.66 -15.66 -11.01
N ARG A 281 13.55 -16.15 -10.14
CA ARG A 281 13.59 -17.57 -9.78
C ARG A 281 12.97 -17.86 -8.41
N GLY A 282 12.23 -16.91 -7.84
CA GLY A 282 11.47 -17.17 -6.63
C GLY A 282 12.12 -16.73 -5.32
N VAL A 283 13.32 -16.17 -5.36
CA VAL A 283 13.98 -15.74 -4.12
C VAL A 283 13.28 -14.48 -3.59
N PRO A 284 12.84 -14.43 -2.32
CA PRO A 284 12.30 -13.18 -1.78
C PRO A 284 13.38 -12.11 -1.71
N VAL A 285 13.00 -10.87 -2.02
CA VAL A 285 13.96 -9.78 -2.19
C VAL A 285 13.51 -8.58 -1.36
N LEU A 286 14.42 -8.06 -0.55
CA LEU A 286 14.26 -6.76 0.11
C LEU A 286 15.22 -5.81 -0.61
N HIS A 287 14.69 -4.98 -1.50
CA HIS A 287 15.52 -4.14 -2.37
C HIS A 287 15.73 -2.78 -1.71
N LEU A 288 16.89 -2.62 -1.09
CA LEU A 288 17.23 -1.38 -0.39
C LEU A 288 17.94 -0.43 -1.35
N ILE A 289 17.16 0.04 -2.32
CA ILE A 289 17.57 1.02 -3.30
C ILE A 289 16.61 2.20 -3.13
N PRO A 290 17.08 3.44 -3.10
CA PRO A 290 16.17 4.58 -2.96
C PRO A 290 15.45 4.88 -4.26
N SER A 291 14.26 5.48 -4.12
CA SER A 291 13.55 6.09 -5.24
C SER A 291 13.02 7.43 -4.75
N PRO A 292 13.50 8.55 -5.30
CA PRO A 292 14.44 8.63 -6.44
C PRO A 292 15.85 8.15 -6.12
N PHE A 293 16.61 7.81 -7.16
CA PHE A 293 18.05 7.63 -7.03
C PHE A 293 18.67 8.92 -6.48
N PRO A 294 19.88 8.84 -5.91
CA PRO A 294 20.57 10.07 -5.50
C PRO A 294 20.65 11.07 -6.65
N GLU A 295 20.61 12.36 -6.30
CA GLU A 295 20.65 13.39 -7.34
C GLU A 295 21.93 13.30 -8.17
N VAL A 296 23.03 12.82 -7.58
CA VAL A 296 24.33 12.79 -8.25
C VAL A 296 24.48 11.53 -9.10
N TRP A 297 23.41 10.76 -9.24
CA TRP A 297 23.49 9.42 -9.80
C TRP A 297 24.11 9.43 -11.21
N HIS A 298 25.12 8.58 -11.40
CA HIS A 298 25.81 8.42 -12.69
C HIS A 298 26.38 9.73 -13.22
N THR A 299 26.82 10.59 -12.30
CA THR A 299 27.62 11.77 -12.62
C THR A 299 28.91 11.68 -11.84
N MET A 300 29.89 12.49 -12.27
CA MET A 300 31.16 12.59 -11.54
C MET A 300 30.99 13.16 -10.13
N ASP A 301 29.84 13.73 -9.81
CA ASP A 301 29.59 14.23 -8.46
C ASP A 301 29.17 13.14 -7.49
N ASP A 302 29.01 11.90 -7.96
CA ASP A 302 28.76 10.78 -7.06
C ASP A 302 30.09 10.41 -6.42
N ASN A 303 30.47 11.22 -5.44
CA ASN A 303 31.80 11.19 -4.87
C ASN A 303 31.66 11.28 -3.35
N GLU A 304 32.80 11.21 -2.67
CA GLU A 304 32.81 11.24 -1.21
C GLU A 304 32.19 12.53 -0.67
N GLU A 305 32.49 13.66 -1.30
CA GLU A 305 32.06 14.94 -0.72
C GLU A 305 30.54 15.04 -0.64
N ASN A 306 29.81 14.40 -1.56
CA ASN A 306 28.35 14.49 -1.57
C ASN A 306 27.67 13.39 -0.76
N LEU A 307 28.43 12.54 -0.08
CA LEU A 307 27.84 11.58 0.84
C LEU A 307 27.41 12.28 2.14
N ASP A 308 26.43 11.67 2.80
CA ASP A 308 25.86 12.15 4.07
C ASP A 308 26.27 11.15 5.15
N GLU A 309 27.34 11.48 5.88
CA GLU A 309 27.89 10.54 6.83
C GLU A 309 26.86 10.10 7.86
N SER A 310 26.07 11.04 8.40
CA SER A 310 25.16 10.68 9.47
C SER A 310 24.05 9.76 8.95
N THR A 311 23.60 9.98 7.71
CA THR A 311 22.58 9.10 7.14
C THR A 311 23.11 7.68 6.98
N ILE A 312 24.35 7.54 6.52
CA ILE A 312 24.93 6.20 6.40
C ILE A 312 25.07 5.56 7.77
N ASP A 313 25.49 6.36 8.76
CA ASP A 313 25.60 5.83 10.12
C ASP A 313 24.25 5.31 10.59
N ASN A 314 23.19 6.08 10.36
CA ASN A 314 21.85 5.68 10.79
C ASN A 314 21.45 4.38 10.14
N LEU A 315 21.70 4.25 8.83
CA LEU A 315 21.32 3.04 8.11
C LEU A 315 22.13 1.84 8.59
N ASN A 316 23.43 2.03 8.87
CA ASN A 316 24.25 0.97 9.47
C ASN A 316 23.59 0.45 10.73
N LYS A 317 23.12 1.35 11.59
CA LYS A 317 22.48 0.93 12.83
C LYS A 317 21.20 0.16 12.54
N ILE A 318 20.38 0.68 11.61
CA ILE A 318 19.14 -0.01 11.26
C ILE A 318 19.42 -1.38 10.68
N LEU A 319 20.40 -1.47 9.77
CA LEU A 319 20.68 -2.74 9.11
C LEU A 319 21.24 -3.76 10.10
N GLN A 320 22.14 -3.33 10.99
CA GLN A 320 22.71 -4.26 11.95
C GLN A 320 21.66 -4.80 12.91
N VAL A 321 20.77 -3.93 13.40
CA VAL A 321 19.68 -4.41 14.24
C VAL A 321 18.84 -5.42 13.47
N PHE A 322 18.55 -5.12 12.21
CA PHE A 322 17.72 -6.01 11.39
C PHE A 322 18.37 -7.38 11.26
N VAL A 323 19.67 -7.42 11.01
CA VAL A 323 20.35 -8.68 10.75
C VAL A 323 20.45 -9.50 12.02
N LEU A 324 20.78 -8.84 13.14
CA LEU A 324 20.80 -9.55 14.42
C LEU A 324 19.42 -10.13 14.75
N GLU A 325 18.37 -9.32 14.56
CA GLU A 325 17.03 -9.81 14.87
C GLU A 325 16.64 -10.95 13.96
N TYR A 326 16.99 -10.86 12.67
CA TYR A 326 16.72 -11.95 11.74
C TYR A 326 17.38 -13.23 12.20
N LEU A 327 18.65 -13.15 12.59
CA LEU A 327 19.45 -14.31 12.96
C LEU A 327 19.23 -14.77 14.40
N HIS A 328 18.37 -14.09 15.16
CA HIS A 328 18.18 -14.36 16.59
C HIS A 328 19.50 -14.25 17.35
N LEU A 329 20.24 -13.19 17.06
CA LEU A 329 21.51 -12.96 17.72
C LEU A 329 21.47 -11.63 18.49
N ALA B 3 19.26 20.30 -15.59
CA ALA B 3 19.20 19.54 -14.34
C ALA B 3 18.03 19.98 -13.46
N TRP B 4 17.59 21.23 -13.64
CA TRP B 4 16.58 21.76 -12.74
C TRP B 4 15.26 21.01 -12.82
N PRO B 5 14.85 20.38 -13.94
CA PRO B 5 13.59 19.62 -13.92
C PRO B 5 13.61 18.42 -12.96
N GLU B 6 14.77 18.02 -12.46
CA GLU B 6 14.85 16.97 -11.45
C GLU B 6 14.68 17.49 -10.02
N GLU B 7 14.67 18.81 -9.82
CA GLU B 7 14.63 19.36 -8.47
C GLU B 7 13.38 18.93 -7.71
N LYS B 8 12.22 18.90 -8.39
CA LYS B 8 10.98 18.45 -7.75
C LYS B 8 11.16 17.12 -7.05
N ASN B 9 12.02 16.25 -7.59
CA ASN B 9 12.20 14.90 -7.06
C ASN B 9 12.88 14.91 -5.70
N TYR B 10 13.64 15.96 -5.36
CA TYR B 10 14.36 16.04 -4.09
C TYR B 10 13.79 17.11 -3.19
N HIS B 11 12.72 17.79 -3.62
CA HIS B 11 12.14 18.88 -2.85
C HIS B 11 11.63 18.38 -1.51
N GLN B 12 11.96 19.11 -0.44
CA GLN B 12 11.51 18.82 0.91
C GLN B 12 10.52 19.88 1.38
N PRO B 13 9.53 19.50 2.18
CA PRO B 13 8.72 20.52 2.84
C PRO B 13 9.51 21.16 3.96
N ALA B 14 9.12 22.39 4.30
CA ALA B 14 9.56 23.04 5.52
C ALA B 14 8.40 22.95 6.50
N ILE B 15 8.53 22.08 7.48
CA ILE B 15 7.41 21.71 8.33
C ILE B 15 7.19 22.77 9.40
N LEU B 16 5.93 23.12 9.63
CA LEU B 16 5.58 24.23 10.51
C LEU B 16 5.36 23.73 11.93
N ASN B 17 5.65 24.58 12.92
CA ASN B 17 5.46 24.18 14.31
C ASN B 17 4.00 24.37 14.71
N SER B 18 3.67 23.94 15.94
CA SER B 18 2.29 23.98 16.42
C SER B 18 1.73 25.40 16.40
N SER B 19 2.54 26.38 16.77
CA SER B 19 2.05 27.76 16.81
C SER B 19 1.70 28.26 15.41
N ALA B 20 2.51 27.88 14.41
CA ALA B 20 2.20 28.28 13.04
C ALA B 20 0.93 27.61 12.55
N LEU B 21 0.74 26.33 12.89
CA LEU B 21 -0.46 25.61 12.46
C LEU B 21 -1.73 26.29 12.98
N ARG B 22 -1.71 26.74 14.23
CA ARG B 22 -2.90 27.41 14.77
C ARG B 22 -3.15 28.72 14.06
N GLN B 23 -2.09 29.48 13.78
CA GLN B 23 -2.23 30.70 13.00
C GLN B 23 -2.87 30.40 11.64
N ILE B 24 -2.46 29.30 11.00
CA ILE B 24 -3.03 28.95 9.70
C ILE B 24 -4.49 28.56 9.85
N ALA B 25 -4.80 27.71 10.83
CA ALA B 25 -6.19 27.33 11.05
C ALA B 25 -7.05 28.53 11.43
N GLU B 26 -6.47 29.51 12.15
CA GLU B 26 -7.20 30.71 12.49
C GLU B 26 -7.37 31.63 11.28
N GLY B 27 -6.42 31.60 10.36
CA GLY B 27 -6.38 32.57 9.29
C GLY B 27 -7.36 32.34 8.16
N THR B 28 -8.01 31.18 8.14
CA THR B 28 -8.95 30.86 7.06
C THR B 28 -10.37 30.90 7.61
N SER B 29 -11.30 31.37 6.78
CA SER B 29 -12.68 31.61 7.24
C SER B 29 -13.64 30.90 6.30
N ILE B 30 -14.23 29.80 6.78
CA ILE B 30 -15.16 29.02 5.94
C ILE B 30 -16.40 29.84 5.61
N SER B 31 -16.84 30.71 6.53
CA SER B 31 -18.03 31.52 6.29
C SER B 31 -17.79 32.56 5.21
N GLU B 32 -16.61 33.18 5.26
CA GLU B 32 -16.20 34.20 4.26
C GLU B 32 -16.11 33.51 2.90
N MET B 33 -15.57 32.28 2.86
CA MET B 33 -15.49 31.54 1.61
C MET B 33 -16.88 31.17 1.10
N TRP B 34 -17.75 30.71 2.01
CA TRP B 34 -19.11 30.35 1.64
C TRP B 34 -19.84 31.48 0.94
N GLN B 35 -19.85 32.66 1.56
CA GLN B 35 -20.64 33.76 1.03
C GLN B 35 -19.98 34.41 -0.18
N ASN B 36 -18.65 34.57 -0.14
CA ASN B 36 -17.94 35.40 -1.10
C ASN B 36 -17.30 34.64 -2.26
N ASP B 37 -16.92 33.38 -2.06
CA ASP B 37 -16.33 32.57 -3.12
C ASP B 37 -17.25 31.49 -3.65
N LEU B 38 -17.99 30.80 -2.76
CA LEU B 38 -18.75 29.64 -3.19
C LEU B 38 -20.11 30.01 -3.76
N GLN B 39 -20.92 30.73 -2.99
CA GLN B 39 -22.30 30.96 -3.40
C GLN B 39 -22.42 31.62 -4.77
N PRO B 40 -21.59 32.58 -5.19
CA PRO B 40 -21.71 33.10 -6.57
C PRO B 40 -21.43 32.06 -7.63
N LEU B 41 -20.74 30.97 -7.28
CA LEU B 41 -20.43 29.94 -8.25
C LEU B 41 -21.52 28.89 -8.38
N LEU B 42 -22.48 28.85 -7.45
CA LEU B 42 -23.53 27.81 -7.48
C LEU B 42 -24.59 28.20 -8.51
N ILE B 43 -24.18 28.19 -9.77
CA ILE B 43 -25.04 28.53 -10.89
C ILE B 43 -24.73 27.56 -12.03
N GLU B 44 -25.69 27.42 -12.93
CA GLU B 44 -25.45 26.70 -14.17
C GLU B 44 -24.30 27.37 -14.94
N ARG B 45 -23.23 26.61 -15.21
CA ARG B 45 -22.05 27.22 -15.86
C ARG B 45 -21.39 26.24 -16.84
N TYR B 46 -22.18 25.59 -17.68
CA TYR B 46 -21.58 24.78 -18.73
C TYR B 46 -21.00 25.70 -19.80
N PRO B 47 -20.11 25.19 -20.66
CA PRO B 47 -19.33 26.07 -21.55
C PRO B 47 -20.22 26.92 -22.45
N GLY B 48 -19.89 28.21 -22.55
CA GLY B 48 -20.64 29.15 -23.36
C GLY B 48 -21.88 29.73 -22.72
N SER B 49 -22.41 29.09 -21.66
CA SER B 49 -23.57 29.59 -20.94
C SER B 49 -23.26 30.95 -20.28
N PRO B 50 -24.28 31.75 -19.95
CA PRO B 50 -23.99 33.01 -19.25
C PRO B 50 -23.27 32.77 -17.93
N GLY B 51 -23.58 31.67 -17.25
CA GLY B 51 -22.90 31.35 -16.00
C GLY B 51 -21.43 31.02 -16.20
N SER B 52 -21.08 30.50 -17.38
CA SER B 52 -19.67 30.25 -17.68
C SER B 52 -18.89 31.56 -17.65
N TYR B 53 -19.42 32.59 -18.31
CA TYR B 53 -18.77 33.90 -18.28
C TYR B 53 -18.79 34.48 -16.88
N ALA B 54 -19.92 34.35 -16.18
CA ALA B 54 -20.05 34.91 -14.84
C ALA B 54 -19.09 34.23 -13.86
N ALA B 55 -19.00 32.90 -13.93
CA ALA B 55 -18.07 32.19 -13.06
C ALA B 55 -16.63 32.59 -13.35
N ARG B 56 -16.26 32.62 -14.64
CA ARG B 56 -14.95 33.10 -15.04
C ARG B 56 -14.69 34.50 -14.50
N GLN B 57 -15.63 35.42 -14.71
CA GLN B 57 -15.45 36.79 -14.23
C GLN B 57 -15.32 36.83 -12.72
N HIS B 58 -16.11 36.03 -12.02
CA HIS B 58 -16.04 36.02 -10.56
C HIS B 58 -14.68 35.52 -10.07
N ILE B 59 -14.18 34.44 -10.69
CA ILE B 59 -12.91 33.86 -10.25
C ILE B 59 -11.77 34.85 -10.46
N MET B 60 -11.75 35.52 -11.62
CA MET B 60 -10.72 36.52 -11.89
C MET B 60 -10.82 37.72 -10.96
N GLN B 61 -12.04 38.17 -10.66
CA GLN B 61 -12.19 39.32 -9.76
C GLN B 61 -11.70 38.98 -8.36
N ARG B 62 -12.03 37.78 -7.88
CA ARG B 62 -11.60 37.39 -6.54
C ARG B 62 -10.08 37.30 -6.45
N ILE B 63 -9.41 36.93 -7.54
CA ILE B 63 -7.95 36.85 -7.50
C ILE B 63 -7.33 38.24 -7.66
N GLN B 64 -7.91 39.07 -8.54
CA GLN B 64 -7.34 40.37 -8.85
C GLN B 64 -7.33 41.31 -7.64
N ARG B 65 -8.26 41.14 -6.72
CA ARG B 65 -8.32 42.00 -5.51
C ARG B 65 -7.22 41.65 -4.50
N LEU B 66 -6.50 40.56 -4.67
CA LEU B 66 -5.52 40.17 -3.65
C LEU B 66 -4.19 40.91 -3.84
N GLN B 67 -3.44 41.01 -2.75
CA GLN B 67 -2.20 41.79 -2.76
C GLN B 67 -1.08 41.08 -3.51
N ALA B 68 -1.01 39.75 -3.41
CA ALA B 68 0.00 39.01 -4.13
C ALA B 68 -0.13 39.27 -5.63
N ASP B 69 0.99 39.12 -6.32
CA ASP B 69 1.13 39.58 -7.71
C ASP B 69 0.64 38.51 -8.69
N TRP B 70 -0.63 38.13 -8.59
CA TRP B 70 -1.13 37.07 -9.47
C TRP B 70 -1.19 37.57 -10.92
N VAL B 71 -0.72 36.75 -11.85
CA VAL B 71 -0.78 37.05 -13.27
C VAL B 71 -1.83 36.14 -13.89
N LEU B 72 -2.90 36.72 -14.42
CA LEU B 72 -4.02 35.97 -14.96
C LEU B 72 -3.88 35.81 -16.45
N GLU B 73 -4.03 34.58 -16.95
CA GLU B 73 -4.12 34.30 -18.38
C GLU B 73 -5.34 33.43 -18.67
N ILE B 74 -6.04 33.76 -19.75
CA ILE B 74 -7.19 32.97 -20.18
C ILE B 74 -6.77 32.24 -21.45
N ASP B 75 -6.84 30.92 -21.40
CA ASP B 75 -6.49 30.02 -22.50
C ASP B 75 -7.81 29.65 -23.16
N THR B 76 -8.17 30.42 -24.19
CA THR B 76 -9.45 30.26 -24.87
C THR B 76 -9.23 29.55 -26.19
N PHE B 77 -10.12 28.62 -26.53
CA PHE B 77 -9.96 27.85 -27.76
C PHE B 77 -11.31 27.29 -28.17
N LEU B 78 -11.39 26.83 -29.41
CA LEU B 78 -12.60 26.21 -29.92
C LEU B 78 -12.39 24.72 -30.12
N SER B 79 -13.46 23.95 -29.96
CA SER B 79 -13.39 22.54 -30.32
C SER B 79 -14.76 22.03 -30.66
N GLN B 80 -14.80 21.06 -31.57
CA GLN B 80 -16.00 20.29 -31.84
C GLN B 80 -16.43 19.56 -30.56
N THR B 81 -17.75 19.40 -30.40
CA THR B 81 -18.41 18.66 -29.32
C THR B 81 -19.67 17.96 -29.86
N PRO B 82 -20.36 17.15 -29.03
CA PRO B 82 -21.67 16.58 -29.44
C PRO B 82 -22.76 17.65 -29.63
N GLU B 83 -22.70 18.73 -28.85
CA GLU B 83 -23.70 19.83 -28.94
C GLU B 83 -23.30 20.76 -30.10
N GLY B 84 -22.07 20.60 -30.61
CA GLY B 84 -21.55 21.43 -31.71
C GLY B 84 -20.31 22.21 -31.29
N GLU B 85 -19.71 22.94 -32.24
CA GLU B 85 -18.49 23.74 -31.96
C GLU B 85 -18.74 24.62 -30.73
N ARG B 86 -17.83 24.58 -29.75
CA ARG B 86 -17.98 25.37 -28.53
C ARG B 86 -16.67 26.05 -28.21
N SER B 87 -16.77 27.17 -27.50
CA SER B 87 -15.62 27.90 -27.00
C SER B 87 -15.39 27.52 -25.53
N PHE B 88 -14.13 27.32 -25.19
CA PHE B 88 -13.70 26.95 -23.84
C PHE B 88 -12.64 27.95 -23.41
N SER B 89 -12.59 28.24 -22.10
CA SER B 89 -11.59 29.16 -21.57
C SER B 89 -11.08 28.60 -20.25
N ASN B 90 -9.87 28.04 -20.26
CA ASN B 90 -9.20 27.75 -19.00
C ASN B 90 -8.72 29.04 -18.34
N ILE B 91 -8.73 29.06 -17.01
CA ILE B 91 -8.22 30.19 -16.23
C ILE B 91 -6.91 29.76 -15.59
N ILE B 92 -5.84 30.51 -15.86
CA ILE B 92 -4.53 30.25 -15.26
C ILE B 92 -4.14 31.46 -14.43
N SER B 93 -3.82 31.24 -13.16
CA SER B 93 -3.39 32.31 -12.28
C SER B 93 -2.07 31.93 -11.67
N THR B 94 -1.03 32.72 -11.95
CA THR B 94 0.35 32.35 -11.65
C THR B 94 1.05 33.44 -10.83
N LEU B 95 1.77 33.02 -9.80
CA LEU B 95 2.75 33.88 -9.15
C LEU B 95 4.12 33.59 -9.76
N ASN B 96 4.88 34.64 -10.03
CA ASN B 96 6.22 34.51 -10.56
C ASN B 96 6.21 33.68 -11.84
N PRO B 97 5.58 34.17 -12.92
CA PRO B 97 5.51 33.37 -14.16
C PRO B 97 6.86 32.90 -14.69
N THR B 98 7.93 33.68 -14.49
CA THR B 98 9.22 33.28 -15.04
C THR B 98 9.99 32.33 -14.15
N ALA B 99 9.52 32.10 -12.91
CA ALA B 99 10.08 31.04 -12.08
C ALA B 99 10.06 29.72 -12.82
N LYS B 100 11.18 28.99 -12.74
CA LYS B 100 11.33 27.71 -13.43
C LYS B 100 10.30 26.70 -12.95
N ARG B 101 9.97 26.70 -11.66
CA ARG B 101 9.10 25.68 -11.08
C ARG B 101 7.86 26.28 -10.45
N HIS B 102 6.73 25.58 -10.56
CA HIS B 102 5.52 25.96 -9.84
C HIS B 102 4.86 24.72 -9.23
N LEU B 103 4.42 24.86 -7.99
CA LEU B 103 3.41 23.99 -7.44
C LEU B 103 2.08 24.42 -8.05
N VAL B 104 1.28 23.47 -8.53
CA VAL B 104 0.05 23.79 -9.25
C VAL B 104 -1.14 23.17 -8.52
N LEU B 105 -2.11 24.00 -8.17
CA LEU B 105 -3.40 23.57 -7.64
C LEU B 105 -4.44 23.76 -8.74
N ALA B 106 -5.36 22.81 -8.87
CA ALA B 106 -6.31 22.91 -9.98
C ALA B 106 -7.65 22.27 -9.63
N CYS B 107 -8.67 22.68 -10.40
CA CYS B 107 -9.99 22.07 -10.42
C CYS B 107 -10.65 22.47 -11.74
N HIS B 108 -11.88 22.01 -11.94
CA HIS B 108 -12.67 22.44 -13.10
C HIS B 108 -13.78 23.36 -12.62
N TYR B 109 -14.03 24.44 -13.36
CA TYR B 109 -15.07 25.38 -12.96
C TYR B 109 -16.33 25.31 -13.81
N ASP B 110 -16.33 24.57 -14.93
CA ASP B 110 -17.56 24.29 -15.66
C ASP B 110 -18.46 23.38 -14.84
N SER B 111 -19.76 23.41 -15.15
CA SER B 111 -20.70 22.48 -14.54
C SER B 111 -21.28 21.61 -15.64
N LYS B 112 -21.72 20.42 -15.25
CA LYS B 112 -22.27 19.48 -16.23
C LYS B 112 -23.59 19.97 -16.77
N TYR B 113 -23.79 19.78 -18.06
CA TYR B 113 -25.03 20.15 -18.74
C TYR B 113 -26.09 19.09 -18.46
N PHE B 114 -27.20 19.50 -17.85
CA PHE B 114 -28.34 18.63 -17.66
C PHE B 114 -29.59 19.32 -18.18
N SER B 115 -30.47 18.53 -18.81
CA SER B 115 -31.56 19.10 -19.58
C SER B 115 -32.50 19.91 -18.71
N HIS B 116 -33.13 20.91 -19.32
CA HIS B 116 -34.10 21.76 -18.62
C HIS B 116 -35.50 21.17 -18.72
N ASN B 119 -37.70 21.67 -12.96
CA ASN B 119 -37.57 23.02 -12.43
C ASN B 119 -36.26 23.20 -11.66
N ARG B 120 -35.50 22.13 -11.45
CA ARG B 120 -34.23 22.21 -10.76
C ARG B 120 -33.08 22.22 -11.76
N VAL B 121 -32.00 22.92 -11.40
CA VAL B 121 -30.86 23.09 -12.26
C VAL B 121 -29.63 22.52 -11.56
N PHE B 122 -28.74 21.88 -12.33
CA PHE B 122 -27.56 21.25 -11.75
C PHE B 122 -26.48 22.32 -11.58
N VAL B 123 -26.04 22.54 -10.34
CA VAL B 123 -25.01 23.54 -10.07
C VAL B 123 -23.69 22.92 -9.60
N GLY B 124 -23.61 21.58 -9.50
CA GLY B 124 -22.37 20.92 -9.14
C GLY B 124 -21.67 21.49 -7.92
N ALA B 125 -22.35 21.48 -6.76
CA ALA B 125 -21.77 22.03 -5.55
C ALA B 125 -20.42 21.38 -5.24
N THR B 126 -20.37 20.06 -5.17
CA THR B 126 -19.08 19.40 -4.97
C THR B 126 -18.25 19.34 -6.25
N ASP B 127 -18.89 19.53 -7.39
CA ASP B 127 -18.38 19.12 -8.70
C ASP B 127 -18.47 20.30 -9.68
N SER B 128 -17.57 21.27 -9.57
CA SER B 128 -16.57 21.40 -8.51
C SER B 128 -16.58 22.83 -7.96
N ALA B 129 -17.76 23.36 -7.64
CA ALA B 129 -17.82 24.71 -7.09
C ALA B 129 -17.02 24.82 -5.80
N VAL B 130 -17.09 23.81 -4.94
CA VAL B 130 -16.36 23.87 -3.66
C VAL B 130 -14.85 23.84 -3.91
N PRO B 131 -14.32 22.94 -4.75
CA PRO B 131 -12.89 23.04 -5.10
C PRO B 131 -12.48 24.42 -5.61
N CYS B 132 -13.28 25.02 -6.50
CA CYS B 132 -13.03 26.40 -6.94
C CYS B 132 -12.93 27.34 -5.75
N ALA B 133 -13.91 27.27 -4.85
CA ALA B 133 -13.95 28.17 -3.71
C ALA B 133 -12.80 27.90 -2.75
N MET B 134 -12.39 26.63 -2.61
CA MET B 134 -11.27 26.31 -1.74
C MET B 134 -10.00 26.95 -2.25
N MET B 135 -9.79 26.95 -3.58
CA MET B 135 -8.60 27.56 -4.14
C MET B 135 -8.63 29.07 -3.97
N LEU B 136 -9.81 29.67 -4.14
CA LEU B 136 -9.94 31.11 -3.95
C LEU B 136 -9.70 31.48 -2.49
N GLU B 137 -10.17 30.67 -1.56
CA GLU B 137 -9.98 30.97 -0.14
C GLU B 137 -8.54 30.73 0.30
N LEU B 138 -7.87 29.75 -0.33
CA LEU B 138 -6.44 29.58 -0.08
C LEU B 138 -5.67 30.81 -0.53
N ALA B 139 -5.96 31.32 -1.72
CA ALA B 139 -5.30 32.50 -2.23
C ALA B 139 -5.50 33.69 -1.28
N ARG B 140 -6.70 33.82 -0.73
CA ARG B 140 -7.01 34.91 0.19
C ARG B 140 -6.31 34.70 1.53
N ALA B 141 -6.48 33.51 2.13
CA ALA B 141 -5.94 33.29 3.47
C ALA B 141 -4.43 33.38 3.49
N LEU B 142 -3.75 32.99 2.41
CA LEU B 142 -2.29 32.99 2.40
C LEU B 142 -1.72 34.21 1.70
N ASP B 143 -2.57 35.20 1.40
CA ASP B 143 -2.17 36.32 0.57
C ASP B 143 -0.93 37.03 1.12
N LYS B 144 -0.87 37.24 2.44
CA LYS B 144 0.28 37.97 2.99
C LYS B 144 1.55 37.18 2.82
N LYS B 145 1.49 35.88 3.08
CA LYS B 145 2.67 35.03 2.92
C LYS B 145 3.05 34.89 1.45
N LEU B 146 2.07 34.72 0.58
CA LEU B 146 2.38 34.60 -0.85
C LEU B 146 2.96 35.90 -1.39
N LEU B 147 2.53 37.04 -0.85
CA LEU B 147 3.07 38.33 -1.24
C LEU B 147 4.58 38.35 -1.10
N SER B 148 5.11 37.59 -0.14
CA SER B 148 6.56 37.51 0.07
C SER B 148 7.27 36.67 -0.99
N LEU B 149 6.57 36.16 -2.00
CA LEU B 149 7.27 35.59 -3.15
C LEU B 149 7.55 36.61 -4.24
N LYS B 150 6.88 37.77 -4.21
CA LYS B 150 7.13 38.82 -5.20
C LYS B 150 8.61 39.20 -5.21
N ASP B 158 13.86 28.56 -7.37
CA ASP B 158 13.00 29.15 -8.39
C ASP B 158 11.64 28.47 -8.35
N LEU B 159 10.92 28.64 -7.23
CA LEU B 159 9.67 27.89 -7.03
C LEU B 159 8.55 28.79 -6.52
N SER B 160 7.42 28.78 -7.22
CA SER B 160 6.27 29.56 -6.79
C SER B 160 5.00 28.73 -6.98
N LEU B 161 3.86 29.41 -7.10
CA LEU B 161 2.52 28.83 -7.04
C LEU B 161 1.71 29.25 -8.25
N GLN B 162 0.90 28.31 -8.73
CA GLN B 162 0.03 28.52 -9.87
C GLN B 162 -1.30 27.86 -9.59
N LEU B 163 -2.39 28.50 -9.99
CA LEU B 163 -3.73 27.93 -9.90
C LEU B 163 -4.28 27.74 -11.31
N ILE B 164 -4.96 26.63 -11.56
CA ILE B 164 -5.58 26.41 -12.86
C ILE B 164 -7.03 26.02 -12.64
N PHE B 165 -7.94 26.76 -13.29
CA PHE B 165 -9.37 26.46 -13.29
C PHE B 165 -9.72 25.97 -14.70
N PHE B 166 -9.90 24.66 -14.86
CA PHE B 166 -10.15 24.08 -16.16
C PHE B 166 -11.60 24.31 -16.56
N ASP B 167 -11.81 24.64 -17.82
CA ASP B 167 -13.12 24.62 -18.44
C ASP B 167 -13.32 23.26 -19.12
N GLY B 168 -14.58 22.91 -19.37
CA GLY B 168 -14.88 21.76 -20.21
C GLY B 168 -14.47 20.39 -19.68
N GLU B 169 -14.33 20.22 -18.37
CA GLU B 169 -14.02 18.89 -17.85
C GLU B 169 -15.14 17.90 -18.16
N GLU B 170 -16.39 18.31 -17.97
CA GLU B 170 -17.52 17.39 -18.05
C GLU B 170 -17.85 17.03 -19.49
N ALA B 171 -18.29 15.78 -19.67
CA ALA B 171 -18.83 15.36 -20.95
C ALA B 171 -20.09 16.14 -21.28
N PHE B 172 -20.29 16.39 -22.57
CA PHE B 172 -21.56 16.99 -23.00
C PHE B 172 -22.65 15.94 -23.04
N LEU B 173 -22.30 14.75 -23.51
CA LEU B 173 -23.22 13.64 -23.78
C LEU B 173 -22.85 12.41 -23.00
N HIS B 174 -21.96 11.60 -23.57
CA HIS B 174 -21.51 10.37 -22.95
C HIS B 174 -20.00 10.46 -22.71
N TRP B 175 -19.60 10.27 -21.46
CA TRP B 175 -18.19 10.33 -21.10
C TRP B 175 -17.38 9.42 -21.99
N SER B 176 -16.35 9.98 -22.61
CA SER B 176 -15.54 9.28 -23.59
C SER B 176 -14.26 10.10 -23.80
N PRO B 177 -13.21 9.49 -24.33
CA PRO B 177 -11.97 10.26 -24.54
C PRO B 177 -12.17 11.51 -25.38
N GLN B 178 -13.15 11.50 -26.29
CA GLN B 178 -13.38 12.64 -27.18
C GLN B 178 -14.38 13.64 -26.63
N ASP B 179 -15.22 13.23 -25.69
CA ASP B 179 -16.23 14.07 -25.08
C ASP B 179 -15.99 14.18 -23.57
N SER B 180 -14.87 14.77 -23.20
CA SER B 180 -14.46 15.01 -21.81
C SER B 180 -13.12 15.74 -21.85
N LEU B 181 -12.79 16.40 -20.74
CA LEU B 181 -11.46 16.97 -20.46
C LEU B 181 -11.02 17.93 -21.57
N TYR B 182 -11.99 18.66 -22.12
CA TYR B 182 -11.70 19.57 -23.21
C TYR B 182 -10.60 20.56 -22.81
N GLY B 183 -10.77 21.24 -21.68
CA GLY B 183 -9.81 22.26 -21.31
C GLY B 183 -8.48 21.69 -20.87
N SER B 184 -8.50 20.62 -20.08
CA SER B 184 -7.25 20.03 -19.62
C SER B 184 -6.47 19.40 -20.76
N ARG B 185 -7.14 18.76 -21.72
CA ARG B 185 -6.38 18.19 -22.83
C ARG B 185 -5.72 19.29 -23.65
N HIS B 186 -6.44 20.38 -23.88
CA HIS B 186 -5.89 21.50 -24.65
C HIS B 186 -4.70 22.13 -23.93
N LEU B 187 -4.86 22.43 -22.65
CA LEU B 187 -3.84 23.17 -21.91
C LEU B 187 -2.57 22.35 -21.75
N ALA B 188 -2.72 21.05 -21.46
CA ALA B 188 -1.55 20.19 -21.32
C ALA B 188 -0.77 20.11 -22.62
N ALA B 189 -1.49 19.95 -23.75
CA ALA B 189 -0.82 19.97 -25.04
C ALA B 189 -0.13 21.30 -25.29
N LYS B 190 -0.79 22.40 -24.97
CA LYS B 190 -0.17 23.71 -25.17
C LYS B 190 1.06 23.88 -24.28
N MET B 191 0.93 23.54 -22.99
CA MET B 191 2.07 23.64 -22.09
C MET B 191 3.23 22.75 -22.52
N ALA B 192 2.92 21.57 -23.06
CA ALA B 192 3.98 20.64 -23.48
C ALA B 192 4.77 21.21 -24.66
N SER B 193 4.13 22.03 -25.48
CA SER B 193 4.77 22.60 -26.66
C SER B 193 5.49 23.91 -26.39
N THR B 194 5.38 24.47 -25.17
CA THR B 194 5.85 25.83 -24.90
C THR B 194 7.15 25.78 -24.13
N PRO B 195 8.22 26.42 -24.62
CA PRO B 195 9.48 26.43 -23.86
C PRO B 195 9.28 27.02 -22.48
N HIS B 196 9.99 26.45 -21.50
CA HIS B 196 10.04 27.08 -20.17
C HIS B 196 11.40 26.73 -19.59
N PRO B 197 12.20 27.73 -19.15
CA PRO B 197 11.96 29.17 -19.30
C PRO B 197 11.96 29.58 -20.76
N PRO B 198 11.48 30.78 -21.09
CA PRO B 198 11.59 31.26 -22.47
C PRO B 198 13.03 31.12 -22.98
N GLY B 199 13.18 30.69 -24.23
CA GLY B 199 14.48 30.52 -24.83
C GLY B 199 15.19 29.24 -24.48
N ALA B 200 14.67 28.46 -23.55
CA ALA B 200 15.34 27.24 -23.14
C ALA B 200 15.28 26.19 -24.23
N ARG B 201 16.21 25.26 -24.12
CA ARG B 201 16.26 24.04 -24.91
C ARG B 201 15.62 22.88 -24.19
N GLY B 202 14.79 22.13 -24.89
CA GLY B 202 14.22 20.90 -24.33
C GLY B 202 13.06 21.04 -23.39
N THR B 203 13.20 21.92 -22.40
CA THR B 203 12.26 21.94 -21.29
C THR B 203 11.01 22.73 -21.66
N SER B 204 9.86 22.21 -21.26
CA SER B 204 8.57 22.83 -21.51
C SER B 204 7.95 23.34 -20.21
N GLN B 205 6.77 23.93 -20.33
CA GLN B 205 6.07 24.37 -19.13
C GLN B 205 5.64 23.19 -18.27
N LEU B 206 5.51 22.00 -18.88
CA LEU B 206 5.22 20.80 -18.09
C LEU B 206 6.40 20.42 -17.18
N HIS B 207 7.64 20.59 -17.66
CA HIS B 207 8.78 20.34 -16.77
C HIS B 207 8.72 21.25 -15.55
N GLY B 208 8.14 22.45 -15.71
CA GLY B 208 8.00 23.39 -14.62
C GLY B 208 7.00 22.97 -13.54
N MET B 209 6.06 22.09 -13.86
CA MET B 209 5.08 21.68 -12.86
C MET B 209 5.73 20.71 -11.89
N ASP B 210 6.05 21.20 -10.69
CA ASP B 210 6.57 20.33 -9.64
C ASP B 210 5.60 19.21 -9.31
N LEU B 211 4.32 19.54 -9.25
CA LEU B 211 3.29 18.64 -8.77
C LEU B 211 1.96 19.31 -9.07
N LEU B 212 1.02 18.54 -9.56
CA LEU B 212 -0.33 18.99 -9.88
C LEU B 212 -1.25 18.41 -8.81
N VAL B 213 -1.83 19.29 -8.00
CA VAL B 213 -2.77 18.91 -6.95
C VAL B 213 -4.16 19.21 -7.52
N LEU B 214 -4.86 18.16 -7.93
CA LEU B 214 -6.17 18.31 -8.58
C LEU B 214 -7.26 18.02 -7.56
N LEU B 215 -8.03 19.07 -7.23
CA LEU B 215 -9.16 18.96 -6.31
C LEU B 215 -10.44 18.73 -7.12
N ASP B 216 -11.27 17.79 -6.67
CA ASP B 216 -12.45 17.44 -7.45
C ASP B 216 -13.42 16.71 -6.54
N LEU B 217 -14.72 17.00 -6.70
CA LEU B 217 -15.78 16.28 -5.95
C LEU B 217 -15.59 16.39 -4.45
N ILE B 218 -15.27 17.60 -3.97
CA ILE B 218 -15.01 17.84 -2.57
C ILE B 218 -16.20 18.58 -1.99
N GLY B 219 -16.59 18.19 -0.77
CA GLY B 219 -17.65 18.91 -0.08
C GLY B 219 -18.68 18.03 0.59
N ALA B 220 -18.77 16.76 0.22
CA ALA B 220 -19.66 15.81 0.88
C ALA B 220 -19.06 15.37 2.22
N PRO B 221 -19.89 14.85 3.13
CA PRO B 221 -19.38 14.38 4.42
C PRO B 221 -18.63 13.06 4.28
N ASN B 222 -17.72 12.84 5.24
CA ASN B 222 -16.91 11.63 5.30
C ASN B 222 -16.25 11.24 3.98
N PRO B 223 -15.54 12.14 3.32
CA PRO B 223 -14.79 11.73 2.12
C PRO B 223 -13.61 10.85 2.51
N THR B 224 -13.27 9.91 1.64
CA THR B 224 -12.04 9.15 1.76
C THR B 224 -11.26 9.32 0.48
N PHE B 225 -10.06 9.89 0.60
CA PHE B 225 -9.12 10.09 -0.50
C PHE B 225 -8.09 8.98 -0.45
N PRO B 226 -8.00 8.14 -1.48
CA PRO B 226 -6.93 7.14 -1.51
C PRO B 226 -5.66 7.71 -2.11
N ASN B 227 -4.58 6.98 -1.89
CA ASN B 227 -3.25 7.34 -2.39
C ASN B 227 -3.09 6.74 -3.79
N PHE B 228 -3.27 7.55 -4.83
CA PHE B 228 -3.35 6.97 -6.17
C PHE B 228 -1.99 6.63 -6.77
N PHE B 229 -0.96 7.45 -6.53
CA PHE B 229 0.24 7.43 -7.36
C PHE B 229 1.50 7.29 -6.51
N PRO B 230 2.33 6.27 -6.76
CA PRO B 230 3.64 6.17 -6.08
C PRO B 230 4.48 7.42 -6.24
N ASN B 231 4.36 8.05 -7.43
CA ASN B 231 5.03 9.29 -7.79
C ASN B 231 4.80 10.43 -6.81
N SER B 232 3.66 10.43 -6.12
CA SER B 232 3.33 11.50 -5.19
C SER B 232 2.97 10.96 -3.82
N ALA B 233 3.23 9.69 -3.55
CA ALA B 233 2.81 9.10 -2.30
C ALA B 233 3.46 9.79 -1.10
N ARG B 234 4.68 10.30 -1.25
CA ARG B 234 5.27 10.98 -0.09
C ARG B 234 4.58 12.31 0.18
N TRP B 235 4.05 12.95 -0.86
CA TRP B 235 3.25 14.15 -0.61
C TRP B 235 1.87 13.78 -0.07
N PHE B 236 1.32 12.65 -0.49
CA PHE B 236 0.09 12.16 0.13
C PHE B 236 0.30 11.89 1.62
N GLU B 237 1.47 11.35 1.98
CA GLU B 237 1.77 11.11 3.40
C GLU B 237 1.92 12.42 4.17
N ARG B 238 2.39 13.48 3.51
CA ARG B 238 2.37 14.79 4.17
C ARG B 238 0.94 15.21 4.50
N LEU B 239 0.00 15.01 3.56
CA LEU B 239 -1.39 15.33 3.84
C LEU B 239 -1.92 14.50 5.01
N GLN B 240 -1.58 13.21 5.06
CA GLN B 240 -1.98 12.40 6.21
C GLN B 240 -1.43 12.97 7.50
N ALA B 241 -0.14 13.35 7.48
CA ALA B 241 0.49 13.86 8.70
C ALA B 241 -0.09 15.19 9.10
N ILE B 242 -0.42 16.05 8.12
CA ILE B 242 -1.01 17.33 8.44
C ILE B 242 -2.39 17.15 9.05
N GLU B 243 -3.23 16.31 8.41
CA GLU B 243 -4.51 15.97 8.99
C GLU B 243 -4.37 15.48 10.43
N HIS B 244 -3.43 14.54 10.65
CA HIS B 244 -3.24 13.97 11.98
C HIS B 244 -2.87 15.04 13.00
N GLU B 245 -1.89 15.89 12.65
CA GLU B 245 -1.42 16.88 13.62
C GLU B 245 -2.47 17.96 13.88
N LEU B 246 -3.17 18.41 12.83
CA LEU B 246 -4.26 19.37 13.04
C LEU B 246 -5.33 18.80 13.96
N HIS B 247 -5.66 17.52 13.78
CA HIS B 247 -6.62 16.88 14.68
C HIS B 247 -6.10 16.87 16.11
N GLU B 248 -4.85 16.43 16.30
CA GLU B 248 -4.29 16.32 17.65
C GLU B 248 -4.21 17.69 18.32
N LEU B 249 -4.04 18.75 17.53
CA LEU B 249 -4.01 20.11 18.08
C LEU B 249 -5.40 20.68 18.31
N GLY B 250 -6.45 19.91 18.01
CA GLY B 250 -7.80 20.41 18.18
C GLY B 250 -8.16 21.52 17.23
N LEU B 251 -7.59 21.52 16.02
CA LEU B 251 -7.88 22.57 15.06
C LEU B 251 -8.85 22.13 13.98
N LEU B 252 -9.35 20.91 14.05
CA LEU B 252 -10.35 20.41 13.11
C LEU B 252 -11.70 20.31 13.81
N LYS B 253 -12.77 20.43 13.02
CA LYS B 253 -14.14 20.43 13.54
C LYS B 253 -14.86 19.17 13.10
N ASP B 254 -15.52 18.49 14.05
CA ASP B 254 -16.32 17.29 13.78
C ASP B 254 -15.51 16.27 12.98
N HIS B 255 -14.35 15.91 13.54
CA HIS B 255 -13.36 15.11 12.86
C HIS B 255 -12.90 14.00 13.80
N SER B 256 -12.69 12.82 13.25
CA SER B 256 -12.32 11.65 14.03
C SER B 256 -11.12 10.97 13.37
N LEU B 257 -10.18 10.51 14.18
CA LEU B 257 -9.05 9.77 13.64
C LEU B 257 -9.48 8.43 13.04
N GLU B 258 -10.67 7.94 13.39
CA GLU B 258 -11.19 6.74 12.76
C GLU B 258 -11.99 7.05 11.50
N GLY B 259 -12.27 8.32 11.22
CA GLY B 259 -12.90 8.71 9.97
C GLY B 259 -12.01 9.65 9.18
N ARG B 260 -10.72 9.28 9.06
CA ARG B 260 -9.75 10.14 8.41
C ARG B 260 -10.08 10.34 6.94
N TYR B 261 -9.73 11.52 6.43
CA TYR B 261 -9.97 11.79 5.02
C TYR B 261 -8.93 11.09 4.15
N PHE B 262 -7.64 11.19 4.52
CA PHE B 262 -6.55 10.70 3.68
C PHE B 262 -6.17 9.31 4.18
N GLN B 263 -6.54 8.33 3.40
CA GLN B 263 -6.31 6.93 3.81
C GLN B 263 -5.02 6.42 3.17
N ASN B 264 -4.21 5.62 3.85
CA ASN B 264 -3.05 5.09 3.09
C ASN B 264 -3.36 3.67 2.62
N TYR B 265 -3.98 3.64 1.46
CA TYR B 265 -4.33 2.49 0.60
C TYR B 265 -4.47 3.08 -0.80
N SER B 266 -4.04 2.35 -1.80
CA SER B 266 -4.17 2.86 -3.15
C SER B 266 -5.47 2.35 -3.76
N TYR B 267 -5.87 3.00 -4.85
CA TYR B 267 -7.08 2.69 -5.58
C TYR B 267 -6.85 1.61 -6.63
N GLY B 268 -5.62 1.50 -7.12
CA GLY B 268 -5.29 0.68 -8.27
C GLY B 268 -5.68 1.37 -9.56
N GLY B 269 -6.99 1.52 -9.78
CA GLY B 269 -7.52 1.91 -11.06
C GLY B 269 -7.19 3.34 -11.47
N VAL B 270 -7.92 3.77 -12.50
CA VAL B 270 -7.65 4.99 -13.23
C VAL B 270 -8.93 5.79 -13.15
N ILE B 271 -9.00 6.77 -12.24
CA ILE B 271 -10.15 7.67 -12.28
C ILE B 271 -9.82 8.78 -13.27
N GLN B 272 -10.45 8.71 -14.45
CA GLN B 272 -10.28 9.72 -15.47
C GLN B 272 -10.70 11.08 -14.94
N ASP B 273 -9.88 12.09 -15.20
CA ASP B 273 -10.10 13.43 -14.67
C ASP B 273 -9.08 14.35 -15.35
N ASP B 274 -9.14 15.63 -15.00
CA ASP B 274 -8.33 16.64 -15.67
C ASP B 274 -6.85 16.39 -15.56
N HIS B 275 -6.40 15.53 -14.62
CA HIS B 275 -4.97 15.26 -14.48
C HIS B 275 -4.42 14.33 -15.56
N ILE B 276 -5.28 13.56 -16.19
CA ILE B 276 -4.82 12.55 -17.17
C ILE B 276 -3.92 13.13 -18.24
N PRO B 277 -4.26 14.24 -18.92
CA PRO B 277 -3.35 14.76 -19.97
C PRO B 277 -2.01 15.20 -19.43
N PHE B 278 -1.93 15.53 -18.14
CA PHE B 278 -0.68 15.88 -17.48
C PHE B 278 0.07 14.65 -17.00
N LEU B 279 -0.64 13.73 -16.33
CA LEU B 279 -0.04 12.48 -15.87
C LEU B 279 0.63 11.72 -17.00
N ARG B 280 -0.06 11.59 -18.14
CA ARG B 280 0.49 10.78 -19.22
C ARG B 280 1.72 11.42 -19.88
N ARG B 281 2.00 12.69 -19.61
CA ARG B 281 3.22 13.32 -20.07
C ARG B 281 4.27 13.44 -18.97
N GLY B 282 4.08 12.73 -17.85
CA GLY B 282 5.09 12.65 -16.82
C GLY B 282 4.93 13.59 -15.65
N VAL B 283 3.89 14.40 -15.61
CA VAL B 283 3.73 15.34 -14.49
C VAL B 283 3.31 14.57 -13.24
N PRO B 284 3.96 14.77 -12.09
CA PRO B 284 3.48 14.10 -10.86
C PRO B 284 2.16 14.70 -10.44
N VAL B 285 1.25 13.83 -9.99
CA VAL B 285 -0.14 14.19 -9.70
C VAL B 285 -0.50 13.72 -8.30
N LEU B 286 -1.00 14.65 -7.50
CA LEU B 286 -1.69 14.34 -6.25
C LEU B 286 -3.18 14.56 -6.52
N HIS B 287 -3.93 13.47 -6.63
CA HIS B 287 -5.31 13.53 -7.12
C HIS B 287 -6.27 13.53 -5.93
N LEU B 288 -6.73 14.73 -5.57
CA LEU B 288 -7.57 14.91 -4.40
C LEU B 288 -9.04 14.82 -4.84
N ILE B 289 -9.39 13.59 -5.22
CA ILE B 289 -10.76 13.22 -5.55
C ILE B 289 -11.09 12.06 -4.63
N PRO B 290 -12.29 12.03 -4.05
CA PRO B 290 -12.63 10.92 -3.15
C PRO B 290 -13.03 9.68 -3.92
N SER B 291 -12.84 8.53 -3.28
CA SER B 291 -13.42 7.27 -3.74
C SER B 291 -14.04 6.62 -2.51
N PRO B 292 -15.37 6.49 -2.43
CA PRO B 292 -16.30 6.78 -3.52
C PRO B 292 -16.53 8.26 -3.80
N PHE B 293 -17.05 8.55 -4.99
CA PHE B 293 -17.58 9.87 -5.26
C PHE B 293 -18.68 10.20 -4.25
N PRO B 294 -18.99 11.49 -4.05
CA PRO B 294 -20.11 11.86 -3.18
C PRO B 294 -21.39 11.12 -3.57
N GLU B 295 -22.23 10.86 -2.56
CA GLU B 295 -23.46 10.13 -2.81
C GLU B 295 -24.36 10.84 -3.82
N VAL B 296 -24.27 12.17 -3.89
CA VAL B 296 -25.15 13.01 -4.70
C VAL B 296 -24.58 13.26 -6.09
N TRP B 297 -23.51 12.52 -6.43
CA TRP B 297 -22.75 12.77 -7.64
C TRP B 297 -23.64 12.73 -8.89
N HIS B 298 -23.54 13.79 -9.70
CA HIS B 298 -24.27 13.90 -10.97
C HIS B 298 -25.77 13.72 -10.80
N THR B 299 -26.29 14.22 -9.68
CA THR B 299 -27.71 14.36 -9.43
C THR B 299 -27.98 15.81 -9.04
N MET B 300 -29.24 16.22 -9.17
CA MET B 300 -29.65 17.56 -8.77
C MET B 300 -29.49 17.80 -7.27
N ASP B 301 -29.23 16.75 -6.49
CA ASP B 301 -28.97 16.91 -5.07
C ASP B 301 -27.54 17.35 -4.79
N ASP B 302 -26.69 17.45 -5.81
CA ASP B 302 -25.34 17.97 -5.59
C ASP B 302 -25.46 19.49 -5.48
N ASN B 303 -25.93 19.93 -4.32
CA ASN B 303 -26.34 21.30 -4.09
C ASN B 303 -25.74 21.77 -2.78
N GLU B 304 -26.00 23.04 -2.46
CA GLU B 304 -25.46 23.65 -1.26
C GLU B 304 -25.91 22.90 0.00
N GLU B 305 -27.19 22.50 0.05
CA GLU B 305 -27.72 21.92 1.28
C GLU B 305 -27.02 20.62 1.66
N ASN B 306 -26.51 19.87 0.69
CA ASN B 306 -25.87 18.59 1.00
C ASN B 306 -24.35 18.70 1.17
N LEU B 307 -23.80 19.91 1.18
CA LEU B 307 -22.41 20.14 1.55
C LEU B 307 -22.26 20.11 3.07
N ASP B 308 -21.05 19.77 3.51
CA ASP B 308 -20.66 19.67 4.92
C ASP B 308 -19.64 20.78 5.18
N GLU B 309 -20.13 21.91 5.69
CA GLU B 309 -19.29 23.13 5.92
C GLU B 309 -18.02 22.83 6.73
N SER B 310 -18.11 21.98 7.75
CA SER B 310 -16.97 21.71 8.62
C SER B 310 -15.94 20.85 7.91
N THR B 311 -16.38 19.86 7.14
CA THR B 311 -15.43 19.07 6.36
C THR B 311 -14.63 19.96 5.41
N ILE B 312 -15.30 20.88 4.73
CA ILE B 312 -14.59 21.76 3.80
C ILE B 312 -13.64 22.67 4.57
N ASP B 313 -14.11 23.23 5.69
CA ASP B 313 -13.23 23.98 6.58
C ASP B 313 -11.98 23.18 6.90
N ASN B 314 -12.18 21.91 7.29
CA ASN B 314 -11.05 21.06 7.67
C ASN B 314 -10.09 20.88 6.51
N LEU B 315 -10.62 20.60 5.32
CA LEU B 315 -9.74 20.39 4.17
C LEU B 315 -9.05 21.68 3.76
N ASN B 316 -9.70 22.84 3.92
CA ASN B 316 -9.01 24.11 3.66
C ASN B 316 -7.76 24.25 4.52
N LYS B 317 -7.88 23.94 5.81
CA LYS B 317 -6.76 24.06 6.71
C LYS B 317 -5.64 23.10 6.32
N ILE B 318 -5.99 21.86 6.02
CA ILE B 318 -4.99 20.87 5.62
C ILE B 318 -4.27 21.31 4.36
N LEU B 319 -5.05 21.77 3.37
CA LEU B 319 -4.47 22.15 2.08
C LEU B 319 -3.60 23.39 2.21
N GLN B 320 -4.01 24.35 3.05
CA GLN B 320 -3.21 25.56 3.21
C GLN B 320 -1.90 25.24 3.91
N VAL B 321 -1.92 24.34 4.91
CA VAL B 321 -0.68 23.93 5.56
C VAL B 321 0.24 23.26 4.53
N PHE B 322 -0.30 22.30 3.79
CA PHE B 322 0.48 21.62 2.75
C PHE B 322 1.15 22.61 1.80
N VAL B 323 0.38 23.59 1.31
CA VAL B 323 0.91 24.52 0.33
C VAL B 323 1.99 25.39 0.96
N LEU B 324 1.76 25.87 2.18
CA LEU B 324 2.77 26.67 2.85
C LEU B 324 4.05 25.88 3.08
N GLU B 325 3.91 24.63 3.54
CA GLU B 325 5.07 23.78 3.77
C GLU B 325 5.80 23.46 2.47
N TYR B 326 5.05 23.23 1.38
CA TYR B 326 5.70 22.96 0.09
C TYR B 326 6.56 24.15 -0.34
N LEU B 327 6.04 25.36 -0.21
CA LEU B 327 6.69 26.58 -0.67
C LEU B 327 7.66 27.18 0.35
N HIS B 328 7.85 26.53 1.50
CA HIS B 328 8.71 27.04 2.57
C HIS B 328 8.25 28.42 3.02
N LEU B 329 6.95 28.56 3.21
CA LEU B 329 6.36 29.82 3.64
C LEU B 329 5.66 29.66 4.99
N ALA C 3 -31.47 3.18 -5.70
CA ALA C 3 -30.30 3.84 -5.12
C ALA C 3 -29.72 3.03 -3.96
N TRP C 4 -30.56 2.22 -3.32
CA TRP C 4 -30.12 1.54 -2.12
C TRP C 4 -28.90 0.64 -2.32
N PRO C 5 -28.66 0.03 -3.50
CA PRO C 5 -27.44 -0.78 -3.65
C PRO C 5 -26.14 0.00 -3.44
N GLU C 6 -26.18 1.35 -3.48
CA GLU C 6 -25.01 2.18 -3.22
C GLU C 6 -24.78 2.44 -1.75
N GLU C 7 -25.76 2.15 -0.87
CA GLU C 7 -25.62 2.54 0.53
C GLU C 7 -24.39 1.92 1.17
N LYS C 8 -24.04 0.68 0.79
CA LYS C 8 -22.84 0.02 1.31
C LYS C 8 -21.60 0.89 1.13
N ASN C 9 -21.58 1.72 0.08
CA ASN C 9 -20.41 2.52 -0.24
C ASN C 9 -20.19 3.66 0.74
N TYR C 10 -21.23 4.10 1.45
CA TYR C 10 -21.12 5.18 2.42
C TYR C 10 -21.37 4.70 3.83
N HIS C 11 -21.49 3.39 4.03
CA HIS C 11 -21.82 2.86 5.36
C HIS C 11 -20.65 3.08 6.30
N GLN C 12 -20.95 3.60 7.49
CA GLN C 12 -19.99 3.88 8.55
C GLN C 12 -20.15 2.88 9.68
N PRO C 13 -19.07 2.50 10.35
CA PRO C 13 -19.22 1.74 11.60
C PRO C 13 -19.64 2.67 12.72
N ALA C 14 -20.32 2.10 13.72
CA ALA C 14 -20.50 2.78 15.00
C ALA C 14 -19.43 2.25 15.94
N ILE C 15 -18.48 3.10 16.29
CA ILE C 15 -17.33 2.64 17.06
C ILE C 15 -17.73 2.41 18.52
N LEU C 16 -17.32 1.29 19.07
CA LEU C 16 -17.66 0.95 20.44
C LEU C 16 -16.62 1.51 21.41
N ASN C 17 -17.08 1.89 22.61
CA ASN C 17 -16.14 2.42 23.60
C ASN C 17 -15.43 1.28 24.35
N SER C 18 -14.52 1.65 25.24
CA SER C 18 -13.67 0.67 25.91
C SER C 18 -14.49 -0.33 26.72
N SER C 19 -15.49 0.15 27.46
CA SER C 19 -16.31 -0.75 28.24
C SER C 19 -17.05 -1.74 27.34
N ALA C 20 -17.54 -1.26 26.19
CA ALA C 20 -18.18 -2.17 25.24
C ALA C 20 -17.19 -3.20 24.72
N LEU C 21 -15.98 -2.78 24.40
CA LEU C 21 -14.98 -3.74 23.93
C LEU C 21 -14.67 -4.80 24.98
N ARG C 22 -14.58 -4.40 26.25
CA ARG C 22 -14.32 -5.40 27.29
C ARG C 22 -15.48 -6.37 27.42
N GLN C 23 -16.72 -5.87 27.30
CA GLN C 23 -17.88 -6.74 27.34
C GLN C 23 -17.81 -7.78 26.22
N ILE C 24 -17.44 -7.35 25.01
CA ILE C 24 -17.34 -8.30 23.90
C ILE C 24 -16.23 -9.32 24.16
N ALA C 25 -15.07 -8.84 24.61
CA ALA C 25 -13.97 -9.78 24.87
C ALA C 25 -14.36 -10.80 25.94
N GLU C 26 -15.12 -10.37 26.96
CA GLU C 26 -15.52 -11.28 28.03
C GLU C 26 -16.64 -12.21 27.60
N GLY C 27 -17.47 -11.80 26.64
CA GLY C 27 -18.64 -12.56 26.26
C GLY C 27 -18.41 -13.69 25.28
N THR C 28 -17.20 -13.85 24.77
CA THR C 28 -16.88 -14.97 23.89
C THR C 28 -16.01 -15.97 24.65
N SER C 29 -16.32 -17.26 24.51
CA SER C 29 -15.63 -18.31 25.27
C SER C 29 -14.95 -19.26 24.30
N ILE C 30 -13.61 -19.18 24.22
CA ILE C 30 -12.86 -20.03 23.30
C ILE C 30 -12.99 -21.50 23.69
N SER C 31 -13.04 -21.80 25.00
CA SER C 31 -13.13 -23.19 25.44
C SER C 31 -14.48 -23.77 25.10
N GLU C 32 -15.54 -22.98 25.24
CA GLU C 32 -16.86 -23.43 24.83
C GLU C 32 -16.92 -23.63 23.30
N MET C 33 -16.37 -22.69 22.52
CA MET C 33 -16.30 -22.92 21.08
C MET C 33 -15.54 -24.19 20.77
N TRP C 34 -14.39 -24.38 21.45
CA TRP C 34 -13.56 -25.56 21.22
C TRP C 34 -14.36 -26.85 21.39
N GLN C 35 -15.05 -26.99 22.52
CA GLN C 35 -15.72 -28.24 22.82
C GLN C 35 -17.01 -28.39 22.00
N ASN C 36 -17.78 -27.32 21.87
CA ASN C 36 -19.16 -27.43 21.39
C ASN C 36 -19.33 -27.16 19.91
N ASP C 37 -18.46 -26.34 19.32
CA ASP C 37 -18.53 -26.02 17.89
C ASP C 37 -17.43 -26.66 17.07
N LEU C 38 -16.19 -26.63 17.55
CA LEU C 38 -15.06 -27.06 16.74
C LEU C 38 -14.88 -28.58 16.76
N GLN C 39 -14.74 -29.17 17.94
CA GLN C 39 -14.42 -30.60 17.99
C GLN C 39 -15.40 -31.47 17.21
N PRO C 40 -16.73 -31.26 17.25
CA PRO C 40 -17.61 -32.09 16.41
C PRO C 40 -17.35 -31.95 14.92
N LEU C 41 -16.74 -30.85 14.49
CA LEU C 41 -16.44 -30.68 13.08
C LEU C 41 -15.12 -31.30 12.67
N LEU C 42 -14.27 -31.71 13.61
CA LEU C 42 -12.94 -32.22 13.25
C LEU C 42 -13.11 -33.67 12.80
N ILE C 43 -13.75 -33.83 11.64
CA ILE C 43 -14.06 -35.13 11.07
C ILE C 43 -13.92 -35.02 9.56
N GLU C 44 -13.68 -36.16 8.92
CA GLU C 44 -13.73 -36.24 7.47
C GLU C 44 -15.12 -35.82 6.97
N ARG C 45 -15.18 -34.78 6.15
CA ARG C 45 -16.49 -34.25 5.70
C ARG C 45 -16.42 -33.77 4.25
N TYR C 46 -15.87 -34.59 3.36
CA TYR C 46 -15.92 -34.26 1.95
C TYR C 46 -17.31 -34.55 1.40
N PRO C 47 -17.67 -33.99 0.24
CA PRO C 47 -19.09 -33.99 -0.18
C PRO C 47 -19.68 -35.39 -0.29
N GLY C 48 -20.87 -35.56 0.28
CA GLY C 48 -21.57 -36.82 0.25
C GLY C 48 -21.18 -37.80 1.34
N SER C 49 -20.05 -37.58 2.01
CA SER C 49 -19.60 -38.47 3.07
C SER C 49 -20.52 -38.38 4.30
N PRO C 50 -20.51 -39.40 5.17
CA PRO C 50 -21.30 -39.27 6.42
C PRO C 50 -20.98 -38.01 7.20
N GLY C 51 -19.70 -37.62 7.26
CA GLY C 51 -19.34 -36.43 7.99
C GLY C 51 -19.82 -35.15 7.35
N SER C 52 -20.00 -35.15 6.02
CA SER C 52 -20.63 -34.00 5.35
C SER C 52 -22.02 -33.75 5.92
N TYR C 53 -22.83 -34.81 6.03
CA TYR C 53 -24.16 -34.68 6.63
C TYR C 53 -24.08 -34.32 8.10
N ALA C 54 -23.14 -34.95 8.82
CA ALA C 54 -23.04 -34.69 10.25
C ALA C 54 -22.60 -33.25 10.50
N ALA C 55 -21.60 -32.78 9.75
CA ALA C 55 -21.18 -31.40 9.87
C ALA C 55 -22.33 -30.45 9.59
N ARG C 56 -23.03 -30.69 8.47
CA ARG C 56 -24.19 -29.86 8.12
C ARG C 56 -25.23 -29.87 9.22
N GLN C 57 -25.56 -31.04 9.75
CA GLN C 57 -26.56 -31.11 10.82
C GLN C 57 -26.06 -30.41 12.08
N HIS C 58 -24.78 -30.58 12.39
CA HIS C 58 -24.21 -29.90 13.54
C HIS C 58 -24.30 -28.39 13.38
N ILE C 59 -23.95 -27.88 12.20
CA ILE C 59 -23.95 -26.43 11.99
C ILE C 59 -25.37 -25.89 12.14
N MET C 60 -26.34 -26.55 11.52
CA MET C 60 -27.73 -26.12 11.63
C MET C 60 -28.24 -26.19 13.07
N GLN C 61 -27.91 -27.27 13.79
CA GLN C 61 -28.43 -27.39 15.13
C GLN C 61 -27.86 -26.32 16.05
N ARG C 62 -26.59 -25.98 15.89
CA ARG C 62 -26.01 -24.94 16.74
C ARG C 62 -26.65 -23.58 16.46
N ILE C 63 -27.04 -23.32 15.22
CA ILE C 63 -27.72 -22.07 14.91
C ILE C 63 -29.17 -22.10 15.41
N GLN C 64 -29.87 -23.22 15.23
CA GLN C 64 -31.28 -23.28 15.59
C GLN C 64 -31.51 -23.09 17.09
N ARG C 65 -30.55 -23.49 17.92
CA ARG C 65 -30.73 -23.33 19.36
C ARG C 65 -30.57 -21.90 19.85
N LEU C 66 -30.16 -20.97 18.99
CA LEU C 66 -29.96 -19.60 19.44
C LEU C 66 -31.27 -18.82 19.43
N GLN C 67 -31.32 -17.76 20.23
CA GLN C 67 -32.55 -17.01 20.38
C GLN C 67 -32.84 -16.13 19.16
N ALA C 68 -31.81 -15.55 18.55
CA ALA C 68 -32.00 -14.72 17.37
C ALA C 68 -32.75 -15.50 16.28
N ASP C 69 -33.48 -14.76 15.45
CA ASP C 69 -34.42 -15.37 14.52
C ASP C 69 -33.72 -15.76 13.22
N TRP C 70 -32.78 -16.71 13.33
CA TRP C 70 -32.05 -17.15 12.14
C TRP C 70 -32.96 -17.96 11.22
N VAL C 71 -32.95 -17.64 9.94
CA VAL C 71 -33.67 -18.40 8.92
C VAL C 71 -32.65 -19.24 8.16
N LEU C 72 -32.78 -20.56 8.27
CA LEU C 72 -31.84 -21.47 7.63
C LEU C 72 -32.35 -21.93 6.29
N GLU C 73 -31.48 -21.90 5.28
CA GLU C 73 -31.79 -22.41 3.95
C GLU C 73 -30.65 -23.31 3.51
N ILE C 74 -30.97 -24.43 2.89
CA ILE C 74 -29.97 -25.32 2.32
C ILE C 74 -30.08 -25.22 0.80
N ASP C 75 -28.99 -24.81 0.17
CA ASP C 75 -28.89 -24.72 -1.29
C ASP C 75 -28.20 -26.00 -1.75
N THR C 76 -29.01 -26.97 -2.19
CA THR C 76 -28.53 -28.29 -2.56
C THR C 76 -28.60 -28.45 -4.08
N PHE C 77 -27.56 -29.02 -4.67
CA PHE C 77 -27.53 -29.15 -6.12
C PHE C 77 -26.60 -30.28 -6.49
N LEU C 78 -26.66 -30.69 -7.74
CA LEU C 78 -25.79 -31.71 -8.27
C LEU C 78 -24.82 -31.08 -9.27
N SER C 79 -23.62 -31.63 -9.35
CA SER C 79 -22.70 -31.23 -10.40
C SER C 79 -21.76 -32.37 -10.71
N GLN C 80 -21.35 -32.46 -11.97
CA GLN C 80 -20.28 -33.39 -12.35
C GLN C 80 -19.01 -33.01 -11.61
N THR C 81 -18.20 -34.01 -11.29
CA THR C 81 -16.84 -33.89 -10.68
C THR C 81 -15.89 -34.92 -11.31
N PRO C 82 -14.58 -34.85 -11.08
CA PRO C 82 -13.61 -35.85 -11.60
C PRO C 82 -13.86 -37.32 -11.22
N GLU C 83 -14.43 -37.50 -10.03
CA GLU C 83 -14.75 -38.85 -9.50
C GLU C 83 -16.13 -39.28 -10.01
N GLY C 84 -17.05 -38.32 -10.14
CA GLY C 84 -18.42 -38.61 -10.62
C GLY C 84 -19.42 -37.59 -10.11
N GLU C 85 -20.65 -37.62 -10.63
CA GLU C 85 -21.71 -36.67 -10.21
C GLU C 85 -21.84 -36.71 -8.69
N ARG C 86 -21.83 -35.52 -8.06
CA ARG C 86 -21.95 -35.43 -6.59
C ARG C 86 -23.01 -34.42 -6.20
N SER C 87 -23.54 -34.57 -4.98
CA SER C 87 -24.47 -33.60 -4.42
C SER C 87 -23.72 -32.69 -3.45
N PHE C 88 -24.07 -31.41 -3.51
CA PHE C 88 -23.48 -30.37 -2.66
C PHE C 88 -24.61 -29.61 -2.00
N SER C 89 -24.38 -29.15 -0.77
CA SER C 89 -25.38 -28.40 -0.01
C SER C 89 -24.70 -27.24 0.72
N ASN C 90 -24.84 -26.03 0.17
CA ASN C 90 -24.44 -24.85 0.92
C ASN C 90 -25.43 -24.61 2.05
N ILE C 91 -24.94 -24.05 3.15
CA ILE C 91 -25.79 -23.67 4.28
C ILE C 91 -25.86 -22.15 4.35
N ILE C 92 -27.06 -21.59 4.31
CA ILE C 92 -27.26 -20.14 4.44
C ILE C 92 -28.08 -19.89 5.70
N SER C 93 -27.55 -19.04 6.58
CA SER C 93 -28.23 -18.65 7.82
C SER C 93 -28.38 -17.14 7.83
N THR C 94 -29.63 -16.65 7.78
CA THR C 94 -29.91 -15.23 7.55
C THR C 94 -30.76 -14.67 8.66
N LEU C 95 -30.34 -13.54 9.23
CA LEU C 95 -31.24 -12.71 10.02
C LEU C 95 -31.94 -11.73 9.10
N ASN C 96 -33.25 -11.57 9.29
CA ASN C 96 -34.03 -10.58 8.55
C ASN C 96 -33.88 -10.78 7.05
N PRO C 97 -34.34 -11.91 6.50
CA PRO C 97 -34.09 -12.19 5.08
C PRO C 97 -34.65 -11.16 4.13
N THR C 98 -35.70 -10.41 4.53
CA THR C 98 -36.28 -9.44 3.61
C THR C 98 -35.56 -8.10 3.63
N ALA C 99 -34.75 -7.81 4.66
CA ALA C 99 -33.93 -6.61 4.65
C ALA C 99 -33.14 -6.52 3.35
N LYS C 100 -33.05 -5.30 2.80
CA LYS C 100 -32.39 -5.06 1.48
C LYS C 100 -30.86 -5.27 1.53
N ARG C 101 -30.25 -5.27 2.71
CA ARG C 101 -28.80 -5.41 2.81
C ARG C 101 -28.39 -6.38 3.93
N HIS C 102 -27.29 -7.10 3.68
CA HIS C 102 -26.70 -7.98 4.69
C HIS C 102 -25.18 -7.91 4.63
N LEU C 103 -24.58 -7.72 5.79
CA LEU C 103 -23.20 -8.13 5.99
C LEU C 103 -23.15 -9.65 5.97
N VAL C 104 -22.25 -10.24 5.17
CA VAL C 104 -22.15 -11.68 5.03
C VAL C 104 -20.82 -12.18 5.57
N LEU C 105 -20.86 -13.14 6.48
CA LEU C 105 -19.68 -13.85 6.96
C LEU C 105 -19.72 -15.24 6.35
N ALA C 106 -18.57 -15.75 5.92
CA ALA C 106 -18.60 -17.02 5.21
C ALA C 106 -17.32 -17.82 5.38
N CYS C 107 -17.44 -19.14 5.18
CA CYS C 107 -16.31 -20.07 5.10
C CYS C 107 -16.81 -21.29 4.34
N HIS C 108 -15.93 -22.28 4.18
CA HIS C 108 -16.33 -23.57 3.63
C HIS C 108 -16.32 -24.63 4.73
N TYR C 109 -17.33 -25.52 4.72
CA TYR C 109 -17.38 -26.56 5.73
C TYR C 109 -17.01 -27.95 5.22
N ASP C 110 -16.85 -28.15 3.91
CA ASP C 110 -16.30 -29.40 3.42
C ASP C 110 -14.83 -29.53 3.82
N SER C 111 -14.34 -30.77 3.84
CA SER C 111 -12.91 -31.02 3.97
C SER C 111 -12.39 -31.65 2.68
N LYS C 112 -11.10 -31.46 2.43
CA LYS C 112 -10.49 -32.01 1.23
C LYS C 112 -10.41 -33.53 1.34
N TYR C 113 -10.69 -34.19 0.23
CA TYR C 113 -10.61 -35.64 0.17
C TYR C 113 -9.16 -36.09 0.04
N PHE C 114 -8.69 -36.89 1.00
CA PHE C 114 -7.37 -37.51 0.93
C PHE C 114 -7.49 -39.00 1.16
N SER C 115 -6.67 -39.76 0.43
CA SER C 115 -6.84 -41.20 0.27
C SER C 115 -6.72 -41.93 1.61
N HIS C 116 -7.31 -43.12 1.65
CA HIS C 116 -7.28 -44.01 2.80
C HIS C 116 -6.36 -45.18 2.45
N ASN C 119 -3.59 -44.68 8.28
CA ASN C 119 -4.59 -44.54 9.33
C ASN C 119 -4.82 -43.10 9.74
N ARG C 120 -4.13 -42.14 9.12
CA ARG C 120 -4.40 -40.72 9.34
C ARG C 120 -5.47 -40.25 8.37
N VAL C 121 -6.44 -39.50 8.88
CA VAL C 121 -7.51 -38.94 8.07
C VAL C 121 -7.44 -37.42 8.18
N PHE C 122 -7.66 -36.74 7.04
CA PHE C 122 -7.53 -35.28 6.97
C PHE C 122 -8.81 -34.64 7.50
N VAL C 123 -8.69 -33.86 8.58
CA VAL C 123 -9.85 -33.17 9.13
C VAL C 123 -9.83 -31.67 8.87
N GLY C 124 -8.80 -31.15 8.19
CA GLY C 124 -8.78 -29.73 7.85
C GLY C 124 -9.10 -28.82 9.02
N ALA C 125 -8.26 -28.83 10.04
CA ALA C 125 -8.56 -28.08 11.26
C ALA C 125 -8.60 -26.59 10.98
N THR C 126 -7.56 -26.06 10.31
CA THR C 126 -7.63 -24.66 9.89
C THR C 126 -8.47 -24.47 8.66
N ASP C 127 -8.77 -25.56 7.94
CA ASP C 127 -9.18 -25.57 6.53
C ASP C 127 -10.46 -26.43 6.38
N SER C 128 -11.61 -25.92 6.82
CA SER C 128 -11.75 -24.66 7.55
C SER C 128 -12.64 -24.92 8.75
N ALA C 129 -12.30 -25.94 9.54
CA ALA C 129 -13.14 -26.25 10.70
C ALA C 129 -13.12 -25.09 11.70
N VAL C 130 -11.97 -24.46 11.89
CA VAL C 130 -11.90 -23.31 12.79
C VAL C 130 -12.74 -22.15 12.28
N PRO C 131 -12.62 -21.72 11.00
CA PRO C 131 -13.55 -20.69 10.51
C PRO C 131 -15.01 -21.03 10.78
N CYS C 132 -15.39 -22.29 10.59
CA CYS C 132 -16.77 -22.71 10.88
C CYS C 132 -17.13 -22.44 12.33
N ALA C 133 -16.26 -22.88 13.26
CA ALA C 133 -16.55 -22.70 14.67
C ALA C 133 -16.53 -21.23 15.06
N MET C 134 -15.65 -20.44 14.44
CA MET C 134 -15.62 -19.01 14.74
C MET C 134 -16.96 -18.36 14.40
N MET C 135 -17.52 -18.70 13.24
CA MET C 135 -18.82 -18.13 12.88
C MET C 135 -19.90 -18.58 13.86
N LEU C 136 -19.90 -19.86 14.24
CA LEU C 136 -20.88 -20.36 15.20
C LEU C 136 -20.70 -19.70 16.58
N GLU C 137 -19.46 -19.50 17.02
CA GLU C 137 -19.24 -18.83 18.29
C GLU C 137 -19.58 -17.35 18.22
N LEU C 138 -19.43 -16.72 17.04
CA LEU C 138 -19.91 -15.35 16.90
C LEU C 138 -21.42 -15.29 17.03
N ALA C 139 -22.12 -16.21 16.37
CA ALA C 139 -23.58 -16.24 16.49
C ALA C 139 -24.01 -16.42 17.95
N ARG C 140 -23.32 -17.31 18.67
CA ARG C 140 -23.64 -17.54 20.08
C ARG C 140 -23.32 -16.31 20.91
N ALA C 141 -22.08 -15.82 20.80
CA ALA C 141 -21.63 -14.74 21.67
C ALA C 141 -22.43 -13.46 21.47
N LEU C 142 -22.87 -13.17 20.24
CA LEU C 142 -23.64 -11.96 19.98
C LEU C 142 -25.15 -12.19 19.95
N ASP C 143 -25.61 -13.35 20.43
CA ASP C 143 -27.01 -13.74 20.25
C ASP C 143 -27.97 -12.69 20.77
N LYS C 144 -27.72 -12.13 21.94
CA LYS C 144 -28.72 -11.22 22.50
C LYS C 144 -28.68 -9.85 21.84
N LYS C 145 -27.51 -9.39 21.40
CA LYS C 145 -27.47 -8.19 20.58
C LYS C 145 -28.13 -8.40 19.22
N LEU C 146 -27.88 -9.56 18.60
CA LEU C 146 -28.48 -9.84 17.31
C LEU C 146 -29.99 -9.99 17.42
N LEU C 147 -30.48 -10.50 18.56
CA LEU C 147 -31.90 -10.57 18.80
C LEU C 147 -32.55 -9.20 18.67
N SER C 148 -31.82 -8.12 18.95
CA SER C 148 -32.43 -6.81 18.80
C SER C 148 -32.66 -6.42 17.35
N LEU C 149 -32.17 -7.21 16.38
CA LEU C 149 -32.52 -6.98 14.98
C LEU C 149 -33.87 -7.57 14.59
N LYS C 150 -34.51 -8.35 15.46
CA LYS C 150 -35.78 -8.98 15.10
C LYS C 150 -36.90 -7.96 14.99
N ASP C 158 -31.77 -0.65 6.72
CA ASP C 158 -32.29 -1.95 6.30
C ASP C 158 -31.15 -2.95 6.15
N LEU C 159 -30.41 -3.16 7.24
CA LEU C 159 -29.15 -3.89 7.22
C LEU C 159 -29.12 -4.98 8.27
N SER C 160 -28.81 -6.21 7.87
CA SER C 160 -28.72 -7.30 8.84
C SER C 160 -27.50 -8.15 8.52
N LEU C 161 -27.53 -9.41 9.01
CA LEU C 161 -26.39 -10.32 9.04
C LEU C 161 -26.78 -11.65 8.42
N GLN C 162 -25.84 -12.24 7.68
CA GLN C 162 -26.04 -13.53 7.03
C GLN C 162 -24.77 -14.34 7.18
N LEU C 163 -24.90 -15.65 7.39
CA LEU C 163 -23.76 -16.55 7.42
C LEU C 163 -23.88 -17.52 6.25
N ILE C 164 -22.77 -17.80 5.57
CA ILE C 164 -22.80 -18.82 4.52
C ILE C 164 -21.70 -19.82 4.79
N PHE C 165 -22.08 -21.10 4.83
CA PHE C 165 -21.15 -22.21 4.95
C PHE C 165 -21.13 -22.92 3.60
N PHE C 166 -20.09 -22.68 2.80
CA PHE C 166 -20.00 -23.24 1.46
C PHE C 166 -19.64 -24.71 1.52
N ASP C 167 -20.30 -25.51 0.69
CA ASP C 167 -19.89 -26.88 0.45
C ASP C 167 -18.98 -26.91 -0.78
N GLY C 168 -18.19 -27.97 -0.89
CA GLY C 168 -17.42 -28.23 -2.10
C GLY C 168 -16.42 -27.17 -2.50
N GLU C 169 -15.83 -26.45 -1.53
CA GLU C 169 -14.77 -25.53 -1.89
C GLU C 169 -13.56 -26.25 -2.49
N GLU C 170 -13.21 -27.41 -1.94
CA GLU C 170 -11.95 -28.07 -2.30
C GLU C 170 -12.06 -28.82 -3.62
N ALA C 171 -10.94 -28.86 -4.34
CA ALA C 171 -10.84 -29.68 -5.53
C ALA C 171 -10.97 -31.15 -5.15
N PHE C 172 -11.56 -31.95 -6.04
CA PHE C 172 -11.54 -33.39 -5.83
C PHE C 172 -10.19 -33.97 -6.25
N LEU C 173 -9.64 -33.47 -7.36
CA LEU C 173 -8.51 -34.11 -8.03
C LEU C 173 -7.35 -33.13 -8.22
N HIS C 174 -7.52 -32.09 -9.00
CA HIS C 174 -6.48 -31.11 -9.26
C HIS C 174 -7.14 -29.73 -9.29
N TRP C 175 -6.63 -28.81 -8.48
CA TRP C 175 -7.21 -27.47 -8.42
C TRP C 175 -7.28 -26.88 -9.82
N SER C 176 -8.50 -26.61 -10.26
CA SER C 176 -8.78 -26.08 -11.58
C SER C 176 -10.07 -25.27 -11.50
N PRO C 177 -10.33 -24.40 -12.47
CA PRO C 177 -11.63 -23.71 -12.49
C PRO C 177 -12.82 -24.64 -12.46
N GLN C 178 -12.75 -25.82 -13.08
CA GLN C 178 -13.91 -26.69 -13.10
C GLN C 178 -13.92 -27.69 -11.95
N ASP C 179 -12.82 -27.81 -11.22
CA ASP C 179 -12.72 -28.72 -10.09
C ASP C 179 -12.33 -27.94 -8.85
N SER C 180 -13.19 -27.00 -8.46
CA SER C 180 -13.03 -26.19 -7.25
C SER C 180 -14.29 -25.36 -7.10
N LEU C 181 -14.51 -24.84 -5.88
CA LEU C 181 -15.52 -23.80 -5.62
C LEU C 181 -16.90 -24.20 -6.12
N TYR C 182 -17.23 -25.50 -5.97
CA TYR C 182 -18.51 -26.00 -6.45
C TYR C 182 -19.66 -25.24 -5.82
N GLY C 183 -19.65 -25.12 -4.50
CA GLY C 183 -20.77 -24.49 -3.82
C GLY C 183 -20.82 -22.99 -4.02
N SER C 184 -19.67 -22.33 -3.95
CA SER C 184 -19.67 -20.87 -4.10
C SER C 184 -20.00 -20.46 -5.53
N ARG C 185 -19.52 -21.19 -6.54
CA ARG C 185 -19.88 -20.82 -7.92
C ARG C 185 -21.37 -21.02 -8.15
N HIS C 186 -21.94 -22.08 -7.58
CA HIS C 186 -23.39 -22.28 -7.70
C HIS C 186 -24.18 -21.20 -6.98
N LEU C 187 -23.80 -20.89 -5.74
CA LEU C 187 -24.63 -19.98 -4.95
C LEU C 187 -24.56 -18.57 -5.50
N ALA C 188 -23.36 -18.12 -5.90
CA ALA C 188 -23.23 -16.78 -6.47
C ALA C 188 -24.07 -16.63 -7.73
N ALA C 189 -24.04 -17.65 -8.62
CA ALA C 189 -24.88 -17.61 -9.80
C ALA C 189 -26.35 -17.55 -9.43
N LYS C 190 -26.77 -18.38 -8.47
CA LYS C 190 -28.16 -18.39 -8.03
C LYS C 190 -28.56 -17.01 -7.49
N MET C 191 -27.76 -16.47 -6.58
CA MET C 191 -28.06 -15.15 -6.03
C MET C 191 -28.07 -14.06 -7.09
N ALA C 192 -27.20 -14.18 -8.10
CA ALA C 192 -27.13 -13.16 -9.16
C ALA C 192 -28.43 -13.11 -9.94
N SER C 193 -29.13 -14.21 -10.03
CA SER C 193 -30.32 -14.30 -10.84
C SER C 193 -31.60 -14.14 -10.04
N THR C 194 -31.50 -13.93 -8.72
CA THR C 194 -32.68 -13.87 -7.85
C THR C 194 -33.00 -12.43 -7.48
N PRO C 195 -34.18 -11.91 -7.82
CA PRO C 195 -34.53 -10.54 -7.42
C PRO C 195 -34.37 -10.35 -5.92
N HIS C 196 -33.92 -9.15 -5.51
CA HIS C 196 -33.92 -8.81 -4.09
C HIS C 196 -34.02 -7.29 -4.04
N PRO C 197 -34.99 -6.74 -3.30
CA PRO C 197 -36.10 -7.46 -2.63
C PRO C 197 -37.01 -8.15 -3.64
N PRO C 198 -37.80 -9.12 -3.18
CA PRO C 198 -38.78 -9.74 -4.08
C PRO C 198 -39.64 -8.68 -4.76
N GLY C 199 -39.88 -8.89 -6.05
CA GLY C 199 -40.63 -7.95 -6.84
C GLY C 199 -39.82 -6.82 -7.44
N ALA C 200 -38.58 -6.66 -6.97
CA ALA C 200 -37.69 -5.57 -7.41
C ALA C 200 -37.29 -5.74 -8.88
N ARG C 201 -37.01 -4.62 -9.55
CA ARG C 201 -36.59 -4.61 -10.98
C ARG C 201 -35.12 -4.19 -11.06
N GLY C 202 -34.26 -5.11 -11.51
CA GLY C 202 -32.83 -4.86 -11.62
C GLY C 202 -31.98 -5.50 -10.54
N THR C 203 -32.34 -5.29 -9.28
CA THR C 203 -31.45 -5.66 -8.20
C THR C 203 -31.57 -7.14 -7.85
N SER C 204 -30.43 -7.76 -7.52
CA SER C 204 -30.33 -9.17 -7.19
C SER C 204 -29.97 -9.33 -5.72
N GLN C 205 -29.93 -10.58 -5.26
CA GLN C 205 -29.44 -10.83 -3.90
C GLN C 205 -27.97 -10.42 -3.75
N LEU C 206 -27.22 -10.37 -4.86
CA LEU C 206 -25.83 -9.93 -4.78
C LEU C 206 -25.73 -8.43 -4.51
N HIS C 207 -26.63 -7.63 -5.08
CA HIS C 207 -26.70 -6.22 -4.69
C HIS C 207 -26.91 -6.08 -3.19
N GLY C 208 -27.60 -7.04 -2.57
CA GLY C 208 -27.84 -6.93 -1.15
C GLY C 208 -26.64 -7.23 -0.28
N MET C 209 -25.59 -7.82 -0.83
CA MET C 209 -24.41 -8.17 -0.04
C MET C 209 -23.57 -6.91 0.11
N ASP C 210 -23.65 -6.28 1.29
CA ASP C 210 -22.81 -5.13 1.61
C ASP C 210 -21.33 -5.46 1.47
N LEU C 211 -20.96 -6.63 1.95
CA LEU C 211 -19.57 -7.02 2.13
C LEU C 211 -19.57 -8.50 2.46
N LEU C 212 -18.68 -9.23 1.80
CA LEU C 212 -18.49 -10.65 2.06
C LEU C 212 -17.16 -10.78 2.79
N VAL C 213 -17.24 -11.21 4.05
CA VAL C 213 -16.08 -11.46 4.89
C VAL C 213 -15.83 -12.97 4.87
N LEU C 214 -14.82 -13.39 4.14
CA LEU C 214 -14.56 -14.80 3.93
C LEU C 214 -13.40 -15.23 4.81
N LEU C 215 -13.68 -16.14 5.73
CA LEU C 215 -12.69 -16.69 6.67
C LEU C 215 -12.21 -18.03 6.11
N ASP C 216 -10.90 -18.22 6.08
CA ASP C 216 -10.34 -19.43 5.49
C ASP C 216 -8.94 -19.63 6.04
N LEU C 217 -8.61 -20.87 6.38
CA LEU C 217 -7.24 -21.24 6.80
C LEU C 217 -6.81 -20.48 8.06
N ILE C 218 -7.71 -20.37 9.01
CA ILE C 218 -7.45 -19.66 10.26
C ILE C 218 -7.23 -20.70 11.36
N GLY C 219 -6.22 -20.47 12.20
CA GLY C 219 -6.01 -21.34 13.34
C GLY C 219 -4.55 -21.59 13.66
N ALA C 220 -3.67 -21.33 12.69
CA ALA C 220 -2.23 -21.48 12.91
C ALA C 220 -1.69 -20.30 13.72
N PRO C 221 -0.57 -20.49 14.43
CA PRO C 221 0.05 -19.36 15.11
C PRO C 221 0.62 -18.35 14.13
N ASN C 222 0.73 -17.11 14.61
CA ASN C 222 1.32 -16.00 13.87
C ASN C 222 0.81 -15.84 12.43
N PRO C 223 -0.51 -15.80 12.23
CA PRO C 223 -1.02 -15.53 10.89
C PRO C 223 -0.75 -14.09 10.49
N THR C 224 -0.52 -13.88 9.20
CA THR C 224 -0.44 -12.54 8.61
C THR C 224 -1.50 -12.44 7.53
N PHE C 225 -2.50 -11.56 7.75
CA PHE C 225 -3.53 -11.30 6.74
C PHE C 225 -3.16 -10.04 5.98
N PRO C 226 -2.93 -10.12 4.67
CA PRO C 226 -2.69 -8.91 3.89
C PRO C 226 -4.00 -8.25 3.47
N ASN C 227 -3.87 -6.99 3.06
CA ASN C 227 -5.01 -6.20 2.58
C ASN C 227 -5.18 -6.43 1.08
N PHE C 228 -6.08 -7.34 0.71
CA PHE C 228 -6.15 -7.75 -0.71
C PHE C 228 -6.81 -6.73 -1.62
N PHE C 229 -7.83 -6.00 -1.15
CA PHE C 229 -8.72 -5.30 -2.09
C PHE C 229 -8.92 -3.85 -1.72
N PRO C 230 -8.65 -2.92 -2.65
CA PRO C 230 -8.88 -1.49 -2.36
C PRO C 230 -10.32 -1.16 -1.96
N ASN C 231 -11.32 -1.81 -2.57
CA ASN C 231 -12.69 -1.45 -2.25
C ASN C 231 -13.20 -2.07 -0.94
N SER C 232 -12.38 -2.85 -0.23
CA SER C 232 -12.65 -3.18 1.17
C SER C 232 -11.52 -2.70 2.08
N ALA C 233 -10.58 -1.90 1.55
CA ALA C 233 -9.42 -1.51 2.33
C ALA C 233 -9.82 -0.75 3.60
N ARG C 234 -10.89 0.05 3.55
CA ARG C 234 -11.22 0.81 4.76
C ARG C 234 -11.78 -0.09 5.84
N TRP C 235 -12.42 -1.19 5.46
CA TRP C 235 -12.86 -2.16 6.45
C TRP C 235 -11.70 -3.00 6.95
N PHE C 236 -10.72 -3.27 6.11
CA PHE C 236 -9.50 -3.90 6.59
C PHE C 236 -8.80 -3.03 7.63
N GLU C 237 -8.78 -1.70 7.42
CA GLU C 237 -8.22 -0.78 8.41
C GLU C 237 -9.01 -0.78 9.72
N ARG C 238 -10.33 -1.01 9.64
CA ARG C 238 -11.09 -1.17 10.86
C ARG C 238 -10.62 -2.39 11.65
N LEU C 239 -10.36 -3.50 10.95
CA LEU C 239 -9.81 -4.67 11.65
C LEU C 239 -8.46 -4.38 12.27
N GLN C 240 -7.62 -3.60 11.57
CA GLN C 240 -6.29 -3.23 12.11
C GLN C 240 -6.53 -2.39 13.38
N ALA C 241 -7.46 -1.45 13.31
CA ALA C 241 -7.70 -0.55 14.44
C ALA C 241 -8.28 -1.32 15.63
N ILE C 242 -9.21 -2.24 15.35
CA ILE C 242 -9.78 -3.07 16.42
C ILE C 242 -8.70 -3.91 17.08
N GLU C 243 -7.85 -4.54 16.28
CA GLU C 243 -6.75 -5.32 16.84
C GLU C 243 -5.85 -4.45 17.72
N HIS C 244 -5.53 -3.26 17.26
CA HIS C 244 -4.69 -2.37 18.05
C HIS C 244 -5.35 -2.04 19.39
N GLU C 245 -6.61 -1.63 19.34
CA GLU C 245 -7.31 -1.19 20.54
C GLU C 245 -7.49 -2.33 21.55
N LEU C 246 -7.90 -3.52 21.08
CA LEU C 246 -8.03 -4.65 21.98
C LEU C 246 -6.70 -4.98 22.65
N HIS C 247 -5.60 -4.93 21.89
CA HIS C 247 -4.28 -5.12 22.48
C HIS C 247 -4.01 -4.05 23.55
N GLU C 248 -4.22 -2.79 23.20
CA GLU C 248 -3.96 -1.70 24.15
C GLU C 248 -4.78 -1.88 25.42
N LEU C 249 -6.00 -2.38 25.29
CA LEU C 249 -6.87 -2.59 26.45
C LEU C 249 -6.51 -3.82 27.26
N GLY C 250 -5.50 -4.59 26.85
CA GLY C 250 -5.16 -5.82 27.54
C GLY C 250 -6.13 -6.96 27.32
N LEU C 251 -6.87 -6.97 26.21
CA LEU C 251 -7.92 -7.95 25.99
C LEU C 251 -7.52 -9.09 25.06
N LEU C 252 -6.29 -9.07 24.56
CA LEU C 252 -5.76 -10.14 23.72
C LEU C 252 -4.75 -10.96 24.51
N LYS C 253 -4.59 -12.21 24.11
CA LYS C 253 -3.71 -13.17 24.79
C LYS C 253 -2.53 -13.53 23.88
N ASP C 254 -1.32 -13.54 24.45
CA ASP C 254 -0.11 -13.97 23.74
C ASP C 254 0.05 -13.24 22.40
N HIS C 255 -0.02 -11.92 22.46
CA HIS C 255 -0.16 -11.09 21.26
C HIS C 255 0.74 -9.88 21.39
N SER C 256 1.52 -9.59 20.36
CA SER C 256 2.37 -8.40 20.36
C SER C 256 2.12 -7.58 19.09
N LEU C 257 2.22 -6.26 19.23
CA LEU C 257 2.05 -5.36 18.10
C LEU C 257 3.16 -5.50 17.07
N GLU C 258 4.27 -6.15 17.42
CA GLU C 258 5.30 -6.49 16.44
C GLU C 258 4.92 -7.72 15.61
N GLY C 259 3.99 -8.54 16.10
CA GLY C 259 3.51 -9.69 15.37
C GLY C 259 2.02 -9.59 15.09
N ARG C 260 1.60 -8.45 14.56
CA ARG C 260 0.20 -8.18 14.31
C ARG C 260 -0.37 -9.11 13.25
N TYR C 261 -1.66 -9.42 13.39
CA TYR C 261 -2.33 -10.26 12.41
C TYR C 261 -2.61 -9.51 11.12
N PHE C 262 -3.20 -8.31 11.23
CA PHE C 262 -3.64 -7.56 10.05
C PHE C 262 -2.56 -6.53 9.70
N GLN C 263 -1.83 -6.81 8.62
CA GLN C 263 -0.78 -5.93 8.11
C GLN C 263 -1.37 -5.01 7.03
N ASN C 264 -0.71 -3.90 6.74
CA ASN C 264 -1.28 -3.13 5.64
C ASN C 264 -0.55 -3.31 4.31
N TYR C 265 0.41 -4.22 4.22
CA TYR C 265 0.86 -4.49 2.87
C TYR C 265 -0.25 -5.20 2.11
N SER C 266 -0.27 -4.97 0.80
CA SER C 266 -1.19 -5.71 -0.03
C SER C 266 -0.50 -6.94 -0.59
N TYR C 267 -1.32 -7.91 -1.02
CA TYR C 267 -0.81 -9.12 -1.62
C TYR C 267 -0.46 -8.91 -3.09
N GLY C 268 -1.16 -7.98 -3.74
CA GLY C 268 -1.04 -7.77 -5.16
C GLY C 268 -1.83 -8.79 -5.95
N GLY C 269 -1.42 -10.06 -5.85
CA GLY C 269 -1.96 -11.11 -6.67
C GLY C 269 -3.35 -11.57 -6.26
N VAL C 270 -3.65 -12.80 -6.64
CA VAL C 270 -4.99 -13.38 -6.54
C VAL C 270 -4.87 -14.70 -5.80
N ILE C 271 -5.66 -14.88 -4.75
CA ILE C 271 -5.79 -16.20 -4.12
C ILE C 271 -7.19 -16.70 -4.40
N GLN C 272 -7.29 -17.66 -5.32
CA GLN C 272 -8.55 -18.29 -5.64
C GLN C 272 -9.17 -18.88 -4.38
N ASP C 273 -10.47 -18.67 -4.21
CA ASP C 273 -11.18 -19.05 -2.99
C ASP C 273 -12.66 -18.81 -3.25
N ASP C 274 -13.48 -19.19 -2.25
CA ASP C 274 -14.92 -19.11 -2.40
C ASP C 274 -15.41 -17.71 -2.75
N HIS C 275 -14.59 -16.66 -2.55
CA HIS C 275 -15.06 -15.30 -2.83
C HIS C 275 -15.04 -14.96 -4.32
N ILE C 276 -14.27 -15.70 -5.10
CA ILE C 276 -14.08 -15.35 -6.52
C ILE C 276 -15.39 -15.20 -7.28
N PRO C 277 -16.36 -16.12 -7.19
CA PRO C 277 -17.60 -15.93 -7.96
C PRO C 277 -18.42 -14.74 -7.51
N PHE C 278 -18.24 -14.26 -6.27
CA PHE C 278 -18.90 -13.04 -5.82
C PHE C 278 -18.09 -11.81 -6.24
N LEU C 279 -16.77 -11.85 -6.02
CA LEU C 279 -15.88 -10.76 -6.42
C LEU C 279 -16.06 -10.40 -7.89
N ARG C 280 -16.07 -11.39 -8.77
CA ARG C 280 -16.13 -11.07 -10.20
C ARG C 280 -17.49 -10.53 -10.62
N ARG C 281 -18.51 -10.62 -9.77
CA ARG C 281 -19.79 -9.98 -10.02
C ARG C 281 -19.94 -8.66 -9.25
N GLY C 282 -18.85 -8.11 -8.71
CA GLY C 282 -18.88 -6.78 -8.10
C GLY C 282 -19.12 -6.73 -6.60
N VAL C 283 -19.19 -7.86 -5.92
CA VAL C 283 -19.42 -7.87 -4.48
C VAL C 283 -18.13 -7.48 -3.77
N PRO C 284 -18.14 -6.47 -2.88
CA PRO C 284 -16.93 -6.19 -2.09
C PRO C 284 -16.58 -7.35 -1.18
N VAL C 285 -15.28 -7.61 -1.04
CA VAL C 285 -14.77 -8.79 -0.35
C VAL C 285 -13.67 -8.39 0.63
N LEU C 286 -13.82 -8.80 1.88
CA LEU C 286 -12.75 -8.80 2.88
C LEU C 286 -12.31 -10.25 3.01
N HIS C 287 -11.16 -10.59 2.42
CA HIS C 287 -10.69 -11.98 2.36
C HIS C 287 -9.76 -12.26 3.53
N LEU C 288 -10.32 -12.81 4.61
CA LEU C 288 -9.54 -13.14 5.81
C LEU C 288 -8.94 -14.55 5.67
N ILE C 289 -7.97 -14.64 4.77
CA ILE C 289 -7.15 -15.82 4.57
C ILE C 289 -5.71 -15.37 4.78
N PRO C 290 -4.89 -16.11 5.52
CA PRO C 290 -3.51 -15.68 5.75
C PRO C 290 -2.66 -15.86 4.51
N SER C 291 -1.56 -15.09 4.45
CA SER C 291 -0.51 -15.28 3.46
C SER C 291 0.80 -15.08 4.21
N PRO C 292 1.62 -16.13 4.42
CA PRO C 292 1.45 -17.49 3.87
C PRO C 292 0.30 -18.28 4.47
N PHE C 293 -0.17 -19.31 3.74
CA PHE C 293 -1.05 -20.32 4.34
C PHE C 293 -0.37 -20.94 5.56
N PRO C 294 -1.14 -21.59 6.44
CA PRO C 294 -0.54 -22.34 7.55
C PRO C 294 0.54 -23.31 7.08
N GLU C 295 1.56 -23.49 7.93
CA GLU C 295 2.64 -24.43 7.59
C GLU C 295 2.10 -25.83 7.33
N VAL C 296 1.00 -26.21 7.97
CA VAL C 296 0.48 -27.56 7.91
C VAL C 296 -0.50 -27.73 6.74
N TRP C 297 -0.64 -26.69 5.94
CA TRP C 297 -1.69 -26.65 4.91
C TRP C 297 -1.69 -27.90 4.02
N HIS C 298 -2.87 -28.48 3.87
CA HIS C 298 -3.11 -29.66 3.03
C HIS C 298 -2.17 -30.81 3.38
N THR C 299 -1.89 -30.98 4.68
CA THR C 299 -1.20 -32.14 5.21
C THR C 299 -2.03 -32.75 6.34
N MET C 300 -1.71 -34.00 6.69
CA MET C 300 -2.38 -34.63 7.83
C MET C 300 -2.10 -33.91 9.15
N ASP C 301 -1.11 -33.03 9.21
CA ASP C 301 -0.82 -32.27 10.42
C ASP C 301 -1.73 -31.07 10.63
N ASP C 302 -2.61 -30.75 9.66
CA ASP C 302 -3.62 -29.72 9.88
C ASP C 302 -4.69 -30.27 10.79
N ASN C 303 -4.36 -30.38 12.07
CA ASN C 303 -5.17 -31.06 13.05
C ASN C 303 -5.37 -30.15 14.25
N GLU C 304 -6.06 -30.69 15.26
CA GLU C 304 -6.40 -29.89 16.43
C GLU C 304 -5.15 -29.52 17.21
N GLU C 305 -4.17 -30.43 17.30
CA GLU C 305 -3.02 -30.16 18.14
C GLU C 305 -2.12 -29.06 17.60
N ASN C 306 -2.20 -28.74 16.30
CA ASN C 306 -1.36 -27.70 15.73
C ASN C 306 -2.07 -26.36 15.64
N LEU C 307 -3.33 -26.30 16.09
CA LEU C 307 -4.03 -25.04 16.26
C LEU C 307 -3.47 -24.26 17.44
N ASP C 308 -3.66 -22.94 17.39
CA ASP C 308 -3.21 -21.99 18.41
C ASP C 308 -4.48 -21.43 19.05
N GLU C 309 -4.89 -22.01 20.18
CA GLU C 309 -6.15 -21.62 20.77
C GLU C 309 -6.19 -20.11 21.06
N SER C 310 -5.09 -19.54 21.54
CA SER C 310 -5.09 -18.13 21.92
C SER C 310 -5.23 -17.22 20.70
N THR C 311 -4.58 -17.57 19.58
CA THR C 311 -4.76 -16.77 18.37
C THR C 311 -6.21 -16.79 17.89
N ILE C 312 -6.86 -17.95 17.95
CA ILE C 312 -8.25 -18.03 17.51
C ILE C 312 -9.14 -17.21 18.42
N ASP C 313 -8.87 -17.26 19.73
CA ASP C 313 -9.59 -16.45 20.70
C ASP C 313 -9.45 -14.98 20.35
N ASN C 314 -8.22 -14.55 20.07
CA ASN C 314 -7.97 -13.15 19.72
C ASN C 314 -8.73 -12.75 18.48
N LEU C 315 -8.70 -13.61 17.45
CA LEU C 315 -9.41 -13.31 16.21
C LEU C 315 -10.93 -13.30 16.41
N ASN C 316 -11.45 -14.22 17.26
CA ASN C 316 -12.86 -14.19 17.62
C ASN C 316 -13.27 -12.81 18.16
N LYS C 317 -12.45 -12.28 19.09
CA LYS C 317 -12.75 -10.98 19.68
C LYS C 317 -12.71 -9.88 18.64
N ILE C 318 -11.72 -9.91 17.74
CA ILE C 318 -11.60 -8.90 16.71
C ILE C 318 -12.80 -8.95 15.76
N LEU C 319 -13.16 -10.17 15.31
CA LEU C 319 -14.26 -10.30 14.37
C LEU C 319 -15.58 -9.88 14.99
N GLN C 320 -15.80 -10.21 16.26
CA GLN C 320 -17.08 -9.90 16.89
C GLN C 320 -17.24 -8.40 17.08
N VAL C 321 -16.16 -7.71 17.44
CA VAL C 321 -16.19 -6.26 17.49
C VAL C 321 -16.49 -5.69 16.11
N PHE C 322 -15.82 -6.21 15.09
CA PHE C 322 -16.03 -5.71 13.72
C PHE C 322 -17.49 -5.82 13.33
N VAL C 323 -18.11 -6.97 13.61
CA VAL C 323 -19.48 -7.24 13.18
C VAL C 323 -20.46 -6.33 13.90
N LEU C 324 -20.27 -6.17 15.22
CA LEU C 324 -21.14 -5.28 15.98
C LEU C 324 -21.00 -3.84 15.48
N GLU C 325 -19.76 -3.40 15.25
CA GLU C 325 -19.57 -2.03 14.78
C GLU C 325 -20.18 -1.84 13.40
N TYR C 326 -20.05 -2.85 12.53
CA TYR C 326 -20.67 -2.77 11.21
C TYR C 326 -22.19 -2.65 11.31
N LEU C 327 -22.82 -3.48 12.15
CA LEU C 327 -24.27 -3.48 12.29
C LEU C 327 -24.81 -2.40 13.22
N HIS C 328 -23.94 -1.57 13.81
CA HIS C 328 -24.34 -0.56 14.79
C HIS C 328 -25.02 -1.21 16.00
N LEU C 329 -24.41 -2.27 16.52
CA LEU C 329 -24.97 -2.97 17.67
C LEU C 329 -24.00 -2.99 18.84
#